data_3KQL
#
_entry.id   3KQL
#
_cell.length_a   43.535
_cell.length_b   75.315
_cell.length_c   144.229
_cell.angle_alpha   90.000
_cell.angle_beta   90.160
_cell.angle_gamma   90.000
#
_symmetry.space_group_name_H-M   'P 1 2 1'
#
loop_
_entity.id
_entity.type
_entity.pdbx_description
1 polymer 'Serine protease/NTPase/helicase NS3'
2 polymer "5'-D(*TP*TP*TP*TP*TP*T)-3'"
3 non-polymer 'TETRAFLUOROALUMINATE ION'
4 non-polymer "ADENOSINE-5'-DIPHOSPHATE"
5 non-polymer 'MAGNESIUM ION'
6 water water
#
loop_
_entity_poly.entity_id
_entity_poly.type
_entity_poly.pdbx_seq_one_letter_code
_entity_poly.pdbx_strand_id
1 'polypeptide(L)'
;SPPAVPQTFQVAHLHAPTGSGKSTKVPAAYAAQGYKVLVLNPSVAATLGFGAYMSKAHGIDPNIRTGVRTITTGAPITYS
TYGKFLADGGCSGGAYDIIICDECHSTDSTTILGIGTVLDQAETAGARLVVLATATPPGSVTVPHPNIEEVALSSTGEIP
FYGKAIPIETIKGGRHLIFCHSKKKCDELAAKLSGLGLNAVAYYRGLDVSVIPTSGDVIVVATDALMTGFTGDFDSVIDC
NTCVTQTVDFSLDPTFTIETTTVPQDAVSRSQRRGRTGRGRMGIYRFVTPGERPSGMFDSSVLCECYDAGCAWYELTPAE
TSVRLRAYLNTPGLPVCQDHLEFWESVFTGLTHIDAHFLSQTKQAGDNFPYLVAYQATVCARAQAPPPSWDQMWKCLIRL
KPTLHGPTPLLYRLGAVQNEVTTTHPITKYIMACMSA
;
A,B
2 'polydeoxyribonucleotide' (DT)(DT)(DT)(DT)(DT)(DT) E,F
#
# COMPACT_ATOMS: atom_id res chain seq x y z
N SER A 1 -16.85 -31.50 13.67
CA SER A 1 -15.68 -32.05 12.95
C SER A 1 -14.85 -30.98 12.22
N PRO A 2 -13.52 -31.02 12.39
CA PRO A 2 -12.53 -30.09 11.80
C PRO A 2 -12.47 -30.18 10.26
N PRO A 3 -11.73 -29.26 9.63
CA PRO A 3 -11.58 -29.26 8.15
C PRO A 3 -11.10 -30.63 7.61
N ALA A 4 -11.99 -31.36 6.94
CA ALA A 4 -11.67 -32.69 6.40
C ALA A 4 -10.35 -32.71 5.61
N VAL A 5 -9.70 -33.88 5.61
CA VAL A 5 -8.45 -34.03 4.89
C VAL A 5 -8.70 -34.50 3.48
N PRO A 6 -8.27 -33.71 2.49
CA PRO A 6 -8.46 -34.05 1.07
C PRO A 6 -7.44 -35.05 0.56
N GLN A 7 -7.73 -35.62 -0.60
CA GLN A 7 -6.82 -36.59 -1.20
C GLN A 7 -5.48 -35.94 -1.50
N THR A 8 -5.53 -34.80 -2.18
CA THR A 8 -4.31 -34.10 -2.54
C THR A 8 -4.22 -32.79 -1.76
N PHE A 9 -3.03 -32.21 -1.74
CA PHE A 9 -2.78 -30.96 -1.04
C PHE A 9 -3.87 -29.89 -1.20
N GLN A 10 -4.15 -29.20 -0.10
CA GLN A 10 -5.13 -28.12 -0.10
C GLN A 10 -4.89 -27.21 1.10
N VAL A 11 -5.27 -25.94 0.95
CA VAL A 11 -5.11 -24.99 2.04
C VAL A 11 -6.49 -24.59 2.53
N ALA A 12 -6.71 -24.62 3.84
CA ALA A 12 -7.99 -24.26 4.41
C ALA A 12 -7.85 -23.22 5.49
N HIS A 13 -8.90 -22.43 5.69
CA HIS A 13 -8.88 -21.41 6.73
C HIS A 13 -9.79 -21.84 7.86
N LEU A 14 -9.34 -21.61 9.09
CA LEU A 14 -10.14 -21.96 10.26
C LEU A 14 -10.25 -20.73 11.14
N HIS A 15 -11.45 -20.19 11.27
CA HIS A 15 -11.69 -19.00 12.07
C HIS A 15 -12.64 -19.34 13.21
N ALA A 16 -12.22 -19.10 14.45
CA ALA A 16 -13.08 -19.37 15.59
C ALA A 16 -12.57 -18.48 16.71
N PRO A 17 -13.45 -18.05 17.62
CA PRO A 17 -13.01 -17.17 18.72
C PRO A 17 -11.93 -17.76 19.63
N THR A 18 -11.24 -16.89 20.34
CA THR A 18 -10.18 -17.30 21.26
C THR A 18 -10.71 -18.29 22.28
N GLY A 19 -9.91 -19.32 22.55
CA GLY A 19 -10.33 -20.34 23.48
C GLY A 19 -11.28 -21.37 22.88
N SER A 20 -11.54 -21.29 21.58
CA SER A 20 -12.46 -22.25 20.93
C SER A 20 -11.95 -23.67 21.04
N GLY A 21 -10.70 -23.87 20.66
CA GLY A 21 -10.12 -25.19 20.72
C GLY A 21 -9.48 -25.51 19.40
N LYS A 22 -9.00 -24.48 18.72
CA LYS A 22 -8.37 -24.71 17.42
C LYS A 22 -7.06 -25.45 17.56
N SER A 23 -6.32 -25.12 18.61
CA SER A 23 -5.00 -25.70 18.89
C SER A 23 -4.99 -27.00 19.66
N THR A 24 -6.12 -27.41 20.20
CA THR A 24 -6.18 -28.64 20.97
C THR A 24 -7.21 -29.60 20.42
N LYS A 25 -8.48 -29.19 20.44
CA LYS A 25 -9.54 -30.06 19.95
C LYS A 25 -9.34 -30.45 18.49
N VAL A 26 -9.12 -29.48 17.62
CA VAL A 26 -8.93 -29.80 16.22
C VAL A 26 -7.85 -30.85 15.94
N PRO A 27 -6.60 -30.58 16.36
CA PRO A 27 -5.51 -31.54 16.13
C PRO A 27 -5.75 -32.87 16.84
N ALA A 28 -6.51 -32.84 17.94
CA ALA A 28 -6.81 -34.08 18.64
C ALA A 28 -7.76 -34.90 17.79
N ALA A 29 -8.68 -34.22 17.10
CA ALA A 29 -9.64 -34.90 16.23
C ALA A 29 -8.93 -35.49 15.01
N TYR A 30 -7.92 -34.80 14.50
CA TYR A 30 -7.20 -35.30 13.35
C TYR A 30 -6.41 -36.54 13.76
N ALA A 31 -5.74 -36.48 14.90
CA ALA A 31 -4.96 -37.60 15.39
C ALA A 31 -5.84 -38.83 15.53
N ALA A 32 -7.03 -38.64 16.11
CA ALA A 32 -7.97 -39.74 16.29
C ALA A 32 -8.30 -40.41 14.96
N GLN A 33 -8.14 -39.67 13.86
CA GLN A 33 -8.40 -40.21 12.53
C GLN A 33 -7.16 -40.91 11.98
N GLY A 34 -6.07 -40.87 12.73
CA GLY A 34 -4.84 -41.52 12.31
C GLY A 34 -3.89 -40.70 11.48
N TYR A 35 -3.90 -39.38 11.66
CA TYR A 35 -3.04 -38.47 10.92
C TYR A 35 -1.91 -37.87 11.77
N LYS A 36 -0.77 -37.59 11.15
CA LYS A 36 0.34 -36.97 11.88
C LYS A 36 0.11 -35.48 11.73
N VAL A 37 -0.01 -34.79 12.86
CA VAL A 37 -0.28 -33.35 12.88
C VAL A 37 0.86 -32.51 13.46
N LEU A 38 1.15 -31.41 12.78
CA LEU A 38 2.19 -30.50 13.23
C LEU A 38 1.55 -29.13 13.47
N VAL A 39 1.55 -28.67 14.71
CA VAL A 39 0.93 -27.39 15.07
C VAL A 39 2.00 -26.32 15.31
N LEU A 40 1.99 -25.28 14.49
CA LEU A 40 2.97 -24.19 14.62
C LEU A 40 2.40 -22.94 15.29
N ASN A 41 3.08 -22.46 16.32
CA ASN A 41 2.66 -21.28 17.05
C ASN A 41 3.85 -20.34 17.14
N PRO A 42 3.59 -19.03 17.24
CA PRO A 42 4.72 -18.12 17.33
C PRO A 42 5.28 -18.04 18.76
N SER A 43 4.41 -18.27 19.73
CA SER A 43 4.80 -18.19 21.15
C SER A 43 5.46 -19.42 21.78
N VAL A 44 6.50 -19.18 22.59
CA VAL A 44 7.20 -20.26 23.29
C VAL A 44 6.36 -20.80 24.45
N ALA A 45 5.75 -19.90 25.22
CA ALA A 45 4.94 -20.31 26.36
C ALA A 45 3.76 -21.16 25.91
N ALA A 46 3.15 -20.77 24.78
CA ALA A 46 2.02 -21.52 24.23
C ALA A 46 2.47 -22.92 23.83
N THR A 47 3.49 -23.01 23.00
CA THR A 47 3.99 -24.31 22.55
C THR A 47 4.21 -25.22 23.76
N LEU A 48 5.00 -24.77 24.73
CA LEU A 48 5.26 -25.58 25.91
C LEU A 48 4.00 -25.94 26.69
N GLY A 49 3.04 -25.02 26.77
CA GLY A 49 1.83 -25.30 27.53
C GLY A 49 0.95 -26.45 27.05
N PHE A 50 0.88 -26.65 25.74
CA PHE A 50 0.05 -27.71 25.20
C PHE A 50 0.41 -29.09 25.70
N GLY A 51 1.68 -29.28 26.04
CA GLY A 51 2.15 -30.57 26.49
C GLY A 51 1.38 -31.23 27.63
N ALA A 52 1.45 -30.64 28.82
CA ALA A 52 0.75 -31.18 29.97
C ALA A 52 -0.75 -31.29 29.74
N TYR A 53 -1.36 -30.27 29.12
CA TYR A 53 -2.80 -30.29 28.88
C TYR A 53 -3.30 -31.34 27.89
N MET A 54 -2.66 -31.47 26.73
CA MET A 54 -3.09 -32.45 25.74
C MET A 54 -3.03 -33.85 26.32
N SER A 55 -2.08 -34.06 27.20
CA SER A 55 -1.87 -35.34 27.83
C SER A 55 -3.04 -35.71 28.75
N LYS A 56 -3.40 -34.79 29.63
CA LYS A 56 -4.48 -34.98 30.59
C LYS A 56 -5.88 -34.88 30.02
N ALA A 57 -6.10 -33.95 29.10
CA ALA A 57 -7.43 -33.77 28.56
C ALA A 57 -7.73 -34.45 27.22
N HIS A 58 -6.72 -34.94 26.52
CA HIS A 58 -6.98 -35.58 25.24
C HIS A 58 -6.27 -36.91 25.10
N GLY A 59 -5.71 -37.40 26.20
CA GLY A 59 -5.01 -38.67 26.18
C GLY A 59 -3.97 -38.79 25.10
N ILE A 60 -2.95 -37.94 25.16
CA ILE A 60 -1.88 -38.00 24.16
C ILE A 60 -0.78 -37.02 24.48
N ASP A 61 0.38 -37.54 24.86
CA ASP A 61 1.54 -36.71 25.18
C ASP A 61 2.25 -36.42 23.87
N PRO A 62 2.10 -35.19 23.35
CA PRO A 62 2.72 -34.78 22.09
C PRO A 62 4.17 -34.37 22.19
N ASN A 63 4.78 -34.18 21.02
CA ASN A 63 6.14 -33.73 20.92
C ASN A 63 6.12 -32.21 21.07
N ILE A 64 7.09 -31.66 21.78
CA ILE A 64 7.14 -30.22 21.97
C ILE A 64 8.49 -29.77 21.44
N ARG A 65 8.50 -28.73 20.63
CA ARG A 65 9.76 -28.25 20.08
C ARG A 65 9.85 -26.74 20.16
N THR A 66 10.81 -26.26 20.95
CA THR A 66 11.04 -24.82 21.07
C THR A 66 12.55 -24.62 21.13
N GLY A 67 13.00 -23.40 20.88
CA GLY A 67 14.42 -23.13 20.93
C GLY A 67 15.09 -23.50 22.24
N VAL A 68 14.38 -23.32 23.36
CA VAL A 68 14.92 -23.61 24.67
C VAL A 68 14.69 -25.02 25.20
N ARG A 69 13.56 -25.62 24.86
CA ARG A 69 13.24 -26.96 25.35
C ARG A 69 12.58 -27.81 24.28
N THR A 70 12.85 -29.10 24.31
CA THR A 70 12.28 -30.04 23.36
C THR A 70 11.87 -31.33 24.10
N ILE A 71 10.72 -31.89 23.75
CA ILE A 71 10.21 -33.12 24.37
C ILE A 71 9.76 -34.06 23.26
N THR A 72 10.49 -35.15 23.09
CA THR A 72 10.14 -36.12 22.05
C THR A 72 9.48 -37.34 22.67
N THR A 73 8.28 -37.67 22.18
CA THR A 73 7.56 -38.84 22.69
C THR A 73 7.20 -39.78 21.57
N GLY A 74 7.33 -39.31 20.33
CA GLY A 74 6.98 -40.14 19.18
C GLY A 74 5.51 -40.10 18.80
N ALA A 75 4.73 -39.27 19.49
CA ALA A 75 3.29 -39.15 19.24
C ALA A 75 2.96 -38.63 17.84
N PRO A 76 1.71 -38.82 17.39
CA PRO A 76 1.30 -38.35 16.07
C PRO A 76 1.09 -36.82 16.02
N ILE A 77 1.13 -36.18 17.17
CA ILE A 77 0.95 -34.72 17.20
C ILE A 77 2.25 -34.07 17.65
N THR A 78 2.64 -32.98 16.99
CA THR A 78 3.85 -32.25 17.35
C THR A 78 3.53 -30.75 17.44
N TYR A 79 3.98 -30.10 18.51
CA TYR A 79 3.78 -28.67 18.66
C TYR A 79 5.14 -28.04 18.60
N SER A 80 5.27 -27.01 17.77
CA SER A 80 6.54 -26.31 17.63
C SER A 80 6.26 -24.84 17.38
N THR A 81 7.29 -24.02 17.56
CA THR A 81 7.19 -22.59 17.31
C THR A 81 7.65 -22.45 15.87
N TYR A 82 7.29 -21.34 15.22
CA TYR A 82 7.73 -21.13 13.85
C TYR A 82 9.26 -21.06 13.82
N GLY A 83 9.82 -20.39 14.82
CA GLY A 83 11.26 -20.25 14.93
C GLY A 83 12.03 -21.55 14.95
N LYS A 84 11.63 -22.47 15.84
CA LYS A 84 12.29 -23.77 15.95
C LYS A 84 12.04 -24.60 14.69
N PHE A 85 10.88 -24.42 14.09
CA PHE A 85 10.49 -25.12 12.88
C PHE A 85 11.46 -24.73 11.76
N LEU A 86 11.76 -23.44 11.67
CA LEU A 86 12.68 -22.96 10.64
C LEU A 86 14.09 -23.44 10.93
N ALA A 87 14.48 -23.31 12.19
CA ALA A 87 15.81 -23.75 12.63
C ALA A 87 16.00 -25.24 12.34
N ASP A 88 14.91 -26.01 12.44
CA ASP A 88 15.00 -27.47 12.17
C ASP A 88 15.01 -27.78 10.67
N GLY A 89 14.84 -26.76 9.84
CA GLY A 89 14.89 -27.00 8.40
C GLY A 89 13.58 -26.90 7.65
N GLY A 90 12.52 -26.50 8.34
CA GLY A 90 11.24 -26.40 7.66
C GLY A 90 10.65 -27.77 7.42
N CYS A 91 9.92 -27.88 6.31
CA CYS A 91 9.25 -29.12 5.93
C CYS A 91 10.17 -30.30 5.66
N SER A 92 11.45 -30.17 6.00
CA SER A 92 12.40 -31.26 5.79
C SER A 92 12.75 -31.94 7.10
N GLY A 93 12.32 -31.36 8.22
CA GLY A 93 12.59 -31.93 9.52
C GLY A 93 11.53 -32.92 9.98
N GLY A 94 10.81 -33.51 9.03
CA GLY A 94 9.77 -34.48 9.36
C GLY A 94 8.65 -34.46 8.34
N ALA A 95 7.92 -35.59 8.21
CA ALA A 95 6.81 -35.69 7.26
C ALA A 95 5.49 -35.75 8.00
N TYR A 96 4.64 -34.75 7.80
CA TYR A 96 3.32 -34.71 8.44
C TYR A 96 2.22 -34.68 7.39
N ASP A 97 1.05 -35.19 7.75
CA ASP A 97 -0.09 -35.22 6.85
C ASP A 97 -0.81 -33.88 6.94
N ILE A 98 -0.87 -33.34 8.15
CA ILE A 98 -1.54 -32.08 8.38
C ILE A 98 -0.68 -31.09 9.13
N ILE A 99 -0.67 -29.85 8.64
CA ILE A 99 0.10 -28.81 9.28
C ILE A 99 -0.81 -27.67 9.61
N ILE A 100 -0.94 -27.37 10.90
CA ILE A 100 -1.78 -26.27 11.36
C ILE A 100 -0.91 -25.06 11.62
N CYS A 101 -1.19 -23.96 10.93
CA CYS A 101 -0.46 -22.72 11.12
C CYS A 101 -1.28 -21.82 12.03
N ASP A 102 -1.07 -21.95 13.34
CA ASP A 102 -1.78 -21.12 14.32
C ASP A 102 -1.37 -19.66 14.22
N GLU A 103 -2.23 -18.79 14.78
CA GLU A 103 -2.02 -17.36 14.80
C GLU A 103 -1.45 -16.92 13.46
N CYS A 104 -2.11 -17.32 12.38
CA CYS A 104 -1.65 -16.98 11.04
C CYS A 104 -1.84 -15.49 10.73
N HIS A 105 -2.49 -14.78 11.65
CA HIS A 105 -2.71 -13.34 11.52
C HIS A 105 -1.45 -12.58 11.94
N SER A 106 -0.57 -13.23 12.68
CA SER A 106 0.64 -12.57 13.17
C SER A 106 1.45 -11.91 12.06
N THR A 107 2.04 -10.76 12.36
CA THR A 107 2.84 -10.07 11.39
C THR A 107 4.27 -9.90 11.82
N ASP A 108 4.76 -10.82 12.64
CA ASP A 108 6.14 -10.82 13.08
C ASP A 108 6.92 -11.61 12.02
N SER A 109 8.12 -11.14 11.69
CA SER A 109 8.93 -11.78 10.66
C SER A 109 9.06 -13.29 10.79
N THR A 110 9.21 -13.77 12.01
CA THR A 110 9.38 -15.22 12.20
C THR A 110 8.18 -16.01 11.70
N THR A 111 6.99 -15.53 12.02
CA THR A 111 5.78 -16.21 11.60
C THR A 111 5.57 -16.09 10.10
N ILE A 112 5.85 -14.91 9.56
CA ILE A 112 5.71 -14.70 8.14
C ILE A 112 6.60 -15.72 7.43
N LEU A 113 7.89 -15.70 7.75
CA LEU A 113 8.84 -16.62 7.12
C LEU A 113 8.42 -18.07 7.36
N GLY A 114 7.84 -18.33 8.53
CA GLY A 114 7.44 -19.70 8.81
C GLY A 114 6.36 -20.18 7.88
N ILE A 115 5.26 -19.46 7.87
CA ILE A 115 4.14 -19.81 7.04
C ILE A 115 4.51 -19.82 5.58
N GLY A 116 5.35 -18.88 5.16
CA GLY A 116 5.77 -18.87 3.77
C GLY A 116 6.52 -20.16 3.45
N THR A 117 7.32 -20.64 4.39
CA THR A 117 8.08 -21.88 4.21
C THR A 117 7.13 -23.06 3.97
N VAL A 118 6.14 -23.25 4.83
CA VAL A 118 5.22 -24.36 4.66
C VAL A 118 4.40 -24.26 3.36
N LEU A 119 3.95 -23.05 3.01
CA LEU A 119 3.14 -22.89 1.80
C LEU A 119 3.95 -23.15 0.53
N ASP A 120 5.26 -23.22 0.68
CA ASP A 120 6.10 -23.46 -0.47
C ASP A 120 6.63 -24.89 -0.52
N GLN A 121 6.66 -25.57 0.62
CA GLN A 121 7.20 -26.93 0.66
C GLN A 121 6.23 -28.03 1.08
N ALA A 122 5.13 -27.64 1.72
CA ALA A 122 4.17 -28.63 2.22
C ALA A 122 3.70 -29.63 1.20
N GLU A 123 3.25 -29.16 0.03
CA GLU A 123 2.74 -30.07 -0.98
C GLU A 123 3.77 -31.12 -1.40
N THR A 124 4.98 -30.67 -1.71
CA THR A 124 6.02 -31.58 -2.15
C THR A 124 6.46 -32.49 -1.01
N ALA A 125 6.34 -32.00 0.22
CA ALA A 125 6.71 -32.75 1.40
C ALA A 125 5.68 -33.82 1.72
N GLY A 126 4.66 -33.92 0.88
CA GLY A 126 3.65 -34.94 1.09
C GLY A 126 2.49 -34.55 1.98
N ALA A 127 2.43 -33.29 2.38
CA ALA A 127 1.32 -32.84 3.22
C ALA A 127 0.09 -32.73 2.35
N ARG A 128 -1.05 -33.14 2.89
CA ARG A 128 -2.27 -33.06 2.11
C ARG A 128 -3.18 -31.93 2.55
N LEU A 129 -2.92 -31.38 3.73
CA LEU A 129 -3.73 -30.28 4.25
C LEU A 129 -2.99 -29.28 5.11
N VAL A 130 -3.08 -28.01 4.74
CA VAL A 130 -2.47 -26.93 5.50
C VAL A 130 -3.60 -26.07 6.02
N VAL A 131 -3.68 -25.92 7.34
CA VAL A 131 -4.75 -25.13 7.94
C VAL A 131 -4.27 -23.77 8.47
N LEU A 132 -4.89 -22.69 8.02
CA LEU A 132 -4.49 -21.37 8.52
C LEU A 132 -5.49 -20.97 9.62
N ALA A 133 -5.09 -21.18 10.87
CA ALA A 133 -5.96 -20.87 11.99
C ALA A 133 -5.76 -19.52 12.71
N THR A 134 -6.86 -18.93 13.14
CA THR A 134 -6.81 -17.68 13.86
C THR A 134 -8.16 -17.21 14.34
N ALA A 135 -8.17 -16.41 15.40
CA ALA A 135 -9.42 -15.90 15.91
C ALA A 135 -9.56 -14.47 15.43
N THR A 136 -8.56 -13.97 14.72
CA THR A 136 -8.59 -12.59 14.24
C THR A 136 -8.01 -12.46 12.83
N PRO A 137 -8.76 -12.93 11.83
CA PRO A 137 -8.27 -12.84 10.46
C PRO A 137 -8.11 -11.37 10.05
N PRO A 138 -7.24 -11.09 9.06
CA PRO A 138 -7.00 -9.72 8.59
C PRO A 138 -8.29 -9.00 8.23
N GLY A 139 -8.41 -7.75 8.68
CA GLY A 139 -9.61 -6.95 8.43
C GLY A 139 -10.65 -7.02 9.55
N SER A 140 -10.58 -8.05 10.37
CA SER A 140 -11.54 -8.22 11.44
C SER A 140 -11.36 -7.24 12.61
N VAL A 141 -12.45 -7.01 13.33
CA VAL A 141 -12.47 -6.10 14.47
C VAL A 141 -12.94 -6.86 15.71
N THR A 142 -12.60 -6.35 16.89
CA THR A 142 -12.99 -7.01 18.12
C THR A 142 -14.49 -7.02 18.31
N VAL A 143 -15.03 -8.23 18.48
CA VAL A 143 -16.46 -8.38 18.68
C VAL A 143 -16.70 -9.00 20.04
N PRO A 144 -17.94 -8.90 20.54
CA PRO A 144 -18.25 -9.48 21.87
C PRO A 144 -17.93 -10.96 21.98
N HIS A 145 -17.29 -11.34 23.08
CA HIS A 145 -16.94 -12.73 23.31
C HIS A 145 -17.95 -13.28 24.31
N PRO A 146 -18.58 -14.42 23.98
CA PRO A 146 -19.58 -15.06 24.84
C PRO A 146 -19.14 -15.41 26.27
N ASN A 147 -17.84 -15.48 26.52
CA ASN A 147 -17.33 -15.82 27.85
C ASN A 147 -16.62 -14.68 28.56
N ILE A 148 -16.56 -13.52 27.92
CA ILE A 148 -15.85 -12.40 28.49
C ILE A 148 -16.67 -11.12 28.66
N GLU A 149 -16.60 -10.55 29.85
CA GLU A 149 -17.28 -9.31 30.16
C GLU A 149 -16.21 -8.22 30.21
N GLU A 150 -16.47 -7.10 29.56
CA GLU A 150 -15.52 -6.01 29.50
C GLU A 150 -15.91 -4.86 30.41
N VAL A 151 -14.97 -4.44 31.26
CA VAL A 151 -15.19 -3.35 32.19
C VAL A 151 -14.05 -2.37 32.10
N ALA A 152 -14.36 -1.14 31.73
CA ALA A 152 -13.36 -0.10 31.61
C ALA A 152 -12.81 0.32 32.97
N LEU A 153 -11.53 0.68 32.99
CA LEU A 153 -10.88 1.12 34.22
C LEU A 153 -11.22 2.60 34.41
N SER A 154 -11.05 3.10 35.63
CA SER A 154 -11.33 4.50 35.92
C SER A 154 -10.18 5.10 36.73
N SER A 155 -10.35 6.35 37.15
CA SER A 155 -9.35 7.05 37.94
C SER A 155 -9.40 6.58 39.38
N THR A 156 -10.26 5.61 39.65
CA THR A 156 -10.40 5.11 41.00
C THR A 156 -9.62 3.82 41.20
N GLY A 157 -8.72 3.83 42.19
CA GLY A 157 -7.91 2.66 42.46
C GLY A 157 -6.62 3.11 43.08
N GLU A 158 -5.99 2.22 43.83
CA GLU A 158 -4.74 2.54 44.51
C GLU A 158 -3.47 2.17 43.73
N ILE A 159 -3.64 1.68 42.51
CA ILE A 159 -2.49 1.32 41.71
C ILE A 159 -2.50 2.06 40.37
N PRO A 160 -1.58 3.02 40.19
CA PRO A 160 -1.51 3.79 38.94
C PRO A 160 -1.25 2.86 37.76
N PHE A 161 -1.97 3.09 36.66
CA PHE A 161 -1.82 2.27 35.46
C PHE A 161 -2.15 3.07 34.20
N TYR A 162 -1.12 3.35 33.40
CA TYR A 162 -1.24 4.09 32.15
C TYR A 162 -2.34 5.14 32.13
N GLY A 163 -2.33 6.05 33.10
CA GLY A 163 -3.35 7.09 33.12
C GLY A 163 -4.51 6.79 34.06
N LYS A 164 -5.00 5.56 34.02
CA LYS A 164 -6.10 5.15 34.88
C LYS A 164 -5.50 4.51 36.13
N ALA A 165 -6.32 3.78 36.88
CA ALA A 165 -5.87 3.10 38.09
C ALA A 165 -6.49 1.72 38.21
N ILE A 166 -5.87 0.88 39.04
CA ILE A 166 -6.35 -0.49 39.24
C ILE A 166 -6.73 -0.72 40.70
N PRO A 167 -8.01 -1.01 40.95
CA PRO A 167 -8.49 -1.26 42.31
C PRO A 167 -7.87 -2.56 42.83
N ILE A 168 -7.32 -2.54 44.03
CA ILE A 168 -6.73 -3.77 44.56
C ILE A 168 -7.76 -4.89 44.65
N GLU A 169 -9.01 -4.52 44.91
CA GLU A 169 -10.10 -5.48 45.02
C GLU A 169 -10.17 -6.41 43.82
N THR A 170 -10.09 -5.83 42.62
CA THR A 170 -10.17 -6.63 41.40
C THR A 170 -9.05 -7.64 41.23
N ILE A 171 -8.01 -7.56 42.06
CA ILE A 171 -6.89 -8.49 41.95
C ILE A 171 -6.38 -9.06 43.27
N LYS A 172 -7.03 -8.69 44.36
CA LYS A 172 -6.66 -9.17 45.70
C LYS A 172 -6.41 -10.68 45.73
N GLY A 173 -7.31 -11.45 45.12
CA GLY A 173 -7.14 -12.88 45.10
C GLY A 173 -7.30 -13.39 43.68
N GLY A 174 -7.46 -14.69 43.52
CA GLY A 174 -7.63 -15.24 42.19
C GLY A 174 -6.39 -15.24 41.33
N ARG A 175 -6.61 -15.37 40.02
CA ARG A 175 -5.53 -15.41 39.07
C ARG A 175 -5.80 -14.33 38.03
N HIS A 176 -4.85 -13.43 37.83
CA HIS A 176 -5.03 -12.34 36.89
C HIS A 176 -3.80 -12.09 36.02
N LEU A 177 -4.03 -11.56 34.83
CA LEU A 177 -2.95 -11.26 33.90
C LEU A 177 -2.97 -9.77 33.55
N ILE A 178 -1.85 -9.10 33.79
CA ILE A 178 -1.75 -7.69 33.48
C ILE A 178 -0.74 -7.49 32.34
N PHE A 179 -1.19 -6.90 31.23
CA PHE A 179 -0.31 -6.65 30.09
C PHE A 179 0.29 -5.26 30.11
N CYS A 180 1.63 -5.22 30.06
CA CYS A 180 2.38 -3.98 30.02
C CYS A 180 3.04 -3.95 28.64
N HIS A 181 3.43 -2.76 28.17
CA HIS A 181 4.05 -2.67 26.86
C HIS A 181 5.56 -2.89 26.86
N SER A 182 6.20 -2.71 28.01
CA SER A 182 7.64 -2.89 28.10
C SER A 182 8.02 -3.89 29.17
N LYS A 183 9.28 -4.31 29.11
CA LYS A 183 9.82 -5.28 30.06
C LYS A 183 10.09 -4.63 31.42
N LYS A 184 10.66 -3.42 31.42
CA LYS A 184 10.95 -2.78 32.70
C LYS A 184 9.66 -2.48 33.44
N LYS A 185 8.64 -2.09 32.68
CA LYS A 185 7.34 -1.77 33.24
C LYS A 185 6.84 -3.00 34.03
N CYS A 186 7.00 -4.19 33.47
CA CYS A 186 6.57 -5.42 34.15
C CYS A 186 7.28 -5.61 35.47
N ASP A 187 8.60 -5.46 35.44
CA ASP A 187 9.40 -5.60 36.64
C ASP A 187 9.00 -4.57 37.68
N GLU A 188 8.66 -3.36 37.23
CA GLU A 188 8.25 -2.29 38.14
C GLU A 188 6.95 -2.69 38.83
N LEU A 189 5.93 -2.97 38.03
CA LEU A 189 4.65 -3.37 38.56
C LEU A 189 4.75 -4.61 39.45
N ALA A 190 5.27 -5.69 38.90
CA ALA A 190 5.42 -6.92 39.69
C ALA A 190 5.99 -6.62 41.06
N ALA A 191 7.05 -5.83 41.11
CA ALA A 191 7.66 -5.49 42.39
C ALA A 191 6.65 -4.76 43.27
N LYS A 192 6.06 -3.69 42.73
CA LYS A 192 5.10 -2.89 43.47
C LYS A 192 3.96 -3.71 44.09
N LEU A 193 3.39 -4.61 43.32
CA LEU A 193 2.32 -5.46 43.83
C LEU A 193 2.82 -6.38 44.92
N SER A 194 4.04 -6.90 44.76
CA SER A 194 4.61 -7.78 45.76
C SER A 194 4.80 -7.01 47.06
N GLY A 195 5.12 -5.72 46.92
CA GLY A 195 5.32 -4.91 48.10
C GLY A 195 4.00 -4.59 48.77
N LEU A 196 2.92 -4.91 48.08
CA LEU A 196 1.59 -4.65 48.62
C LEU A 196 1.03 -5.91 49.26
N GLY A 197 1.83 -6.96 49.29
CA GLY A 197 1.38 -8.20 49.89
C GLY A 197 0.73 -9.15 48.91
N LEU A 198 0.76 -8.79 47.63
CA LEU A 198 0.18 -9.64 46.61
C LEU A 198 1.25 -10.53 46.01
N ASN A 199 0.84 -11.70 45.50
CA ASN A 199 1.77 -12.63 44.89
C ASN A 199 1.86 -12.34 43.38
N ALA A 200 2.77 -11.44 43.00
CA ALA A 200 2.96 -11.05 41.60
C ALA A 200 4.27 -11.52 40.98
N VAL A 201 4.20 -11.91 39.71
CA VAL A 201 5.37 -12.37 38.98
C VAL A 201 5.36 -11.75 37.58
N ALA A 202 6.52 -11.29 37.13
CA ALA A 202 6.66 -10.68 35.83
C ALA A 202 7.00 -11.76 34.82
N TYR A 203 6.63 -11.57 33.56
CA TYR A 203 6.95 -12.58 32.56
C TYR A 203 7.17 -11.97 31.18
N TYR A 204 8.23 -12.42 30.50
CA TYR A 204 8.55 -11.93 29.16
C TYR A 204 9.59 -12.82 28.51
N ARG A 205 9.95 -12.52 27.28
CA ARG A 205 10.94 -13.32 26.55
C ARG A 205 12.18 -13.61 27.40
N GLY A 206 12.55 -14.88 27.47
CA GLY A 206 13.73 -15.28 28.22
C GLY A 206 13.43 -15.96 29.54
N LEU A 207 12.33 -15.56 30.16
CA LEU A 207 11.92 -16.11 31.43
C LEU A 207 11.28 -17.49 31.26
N ASP A 208 11.51 -18.34 32.24
CA ASP A 208 10.99 -19.69 32.23
C ASP A 208 9.48 -19.70 32.47
N VAL A 209 8.77 -20.52 31.70
CA VAL A 209 7.33 -20.63 31.78
C VAL A 209 6.88 -21.17 33.13
N SER A 210 7.83 -21.72 33.88
CA SER A 210 7.55 -22.28 35.19
C SER A 210 7.35 -21.21 36.24
N VAL A 211 7.76 -19.98 35.96
CA VAL A 211 7.59 -18.90 36.91
C VAL A 211 6.11 -18.64 37.15
N ILE A 212 5.29 -19.14 36.23
CA ILE A 212 3.85 -18.98 36.32
C ILE A 212 3.27 -20.19 37.01
N PRO A 213 2.92 -20.06 38.30
CA PRO A 213 2.36 -21.18 39.05
C PRO A 213 1.14 -21.80 38.37
N THR A 214 1.19 -23.10 38.17
CA THR A 214 0.11 -23.83 37.53
C THR A 214 -1.19 -23.71 38.32
N SER A 215 -1.09 -23.39 39.60
CA SER A 215 -2.27 -23.26 40.45
C SER A 215 -2.12 -22.25 41.58
N GLY A 216 -3.24 -21.83 42.15
CA GLY A 216 -3.21 -20.89 43.25
C GLY A 216 -3.26 -19.44 42.81
N ASP A 217 -3.51 -18.54 43.75
CA ASP A 217 -3.57 -17.10 43.49
C ASP A 217 -2.26 -16.59 42.91
N VAL A 218 -2.34 -15.61 42.02
CA VAL A 218 -1.15 -15.02 41.40
C VAL A 218 -1.57 -13.93 40.40
N ILE A 219 -0.68 -12.97 40.20
CA ILE A 219 -0.92 -11.88 39.29
C ILE A 219 0.27 -11.84 38.37
N VAL A 220 0.10 -12.29 37.13
CA VAL A 220 1.20 -12.30 36.18
C VAL A 220 1.27 -11.00 35.37
N VAL A 221 2.39 -10.28 35.48
CA VAL A 221 2.60 -9.04 34.72
C VAL A 221 3.49 -9.41 33.53
N ALA A 222 2.92 -9.42 32.32
CA ALA A 222 3.69 -9.82 31.15
C ALA A 222 3.58 -8.91 29.93
N THR A 223 4.41 -9.21 28.94
CA THR A 223 4.44 -8.50 27.67
C THR A 223 3.69 -9.37 26.67
N ASP A 224 3.80 -9.02 25.39
CA ASP A 224 3.14 -9.80 24.35
C ASP A 224 3.75 -11.18 24.14
N ALA A 225 4.56 -11.63 25.09
CA ALA A 225 5.13 -12.96 24.99
C ALA A 225 4.07 -13.93 25.49
N LEU A 226 2.99 -13.37 26.05
CA LEU A 226 1.90 -14.18 26.57
C LEU A 226 0.58 -13.73 25.97
N MET A 227 0.66 -13.10 24.80
CA MET A 227 -0.51 -12.58 24.10
C MET A 227 -1.39 -13.60 23.36
N THR A 228 -0.81 -14.66 22.82
CA THR A 228 -1.60 -15.64 22.07
C THR A 228 -1.38 -17.09 22.49
N GLY A 229 -2.32 -17.96 22.11
CA GLY A 229 -2.22 -19.38 22.40
C GLY A 229 -2.02 -19.83 23.83
N PHE A 230 -1.78 -18.91 24.74
CA PHE A 230 -1.56 -19.31 26.11
C PHE A 230 -2.84 -19.40 26.94
N THR A 231 -2.90 -20.40 27.82
CA THR A 231 -4.05 -20.59 28.72
C THR A 231 -3.52 -20.69 30.13
N GLY A 232 -3.56 -19.60 30.87
CA GLY A 232 -3.07 -19.64 32.24
C GLY A 232 -4.18 -19.74 33.28
N ASP A 233 -5.41 -19.97 32.83
CA ASP A 233 -6.54 -20.06 33.77
C ASP A 233 -6.64 -18.75 34.55
N PHE A 234 -6.82 -17.65 33.83
CA PHE A 234 -6.91 -16.33 34.43
C PHE A 234 -8.36 -15.90 34.63
N ASP A 235 -8.64 -15.35 35.81
CA ASP A 235 -9.97 -14.88 36.14
C ASP A 235 -10.26 -13.55 35.45
N SER A 236 -9.19 -12.83 35.11
CA SER A 236 -9.35 -11.54 34.46
C SER A 236 -8.08 -11.15 33.72
N VAL A 237 -8.21 -10.13 32.88
CA VAL A 237 -7.10 -9.60 32.09
C VAL A 237 -7.18 -8.07 32.07
N ILE A 238 -6.05 -7.43 32.40
CA ILE A 238 -5.97 -5.99 32.43
C ILE A 238 -5.00 -5.62 31.31
N ASP A 239 -5.50 -4.81 30.39
CA ASP A 239 -4.75 -4.42 29.21
C ASP A 239 -4.36 -2.96 29.20
N CYS A 240 -3.09 -2.68 28.93
CA CYS A 240 -2.62 -1.30 28.86
C CYS A 240 -2.96 -0.72 27.48
N ASN A 241 -3.35 -1.58 26.53
CA ASN A 241 -3.73 -1.13 25.20
C ASN A 241 -2.60 -0.43 24.44
N THR A 242 -1.37 -0.77 24.76
CA THR A 242 -0.21 -0.14 24.12
C THR A 242 0.70 -1.21 23.51
N CYS A 243 1.16 -0.95 22.29
CA CYS A 243 2.05 -1.86 21.56
C CYS A 243 3.36 -1.18 21.16
N VAL A 244 4.33 -1.99 20.73
CA VAL A 244 5.62 -1.50 20.28
C VAL A 244 5.70 -1.85 18.78
N THR A 245 5.70 -0.84 17.93
CA THR A 245 5.76 -1.05 16.49
C THR A 245 7.14 -0.73 15.93
N GLN A 246 7.40 -1.24 14.73
CA GLN A 246 8.68 -1.01 14.09
C GLN A 246 8.40 -0.73 12.61
N THR A 247 8.89 0.39 12.10
CA THR A 247 8.65 0.71 10.69
C THR A 247 9.94 1.08 9.99
N VAL A 248 9.94 0.94 8.67
CA VAL A 248 11.11 1.28 7.87
C VAL A 248 10.81 2.58 7.16
N ASP A 249 11.81 3.46 7.09
CA ASP A 249 11.62 4.73 6.44
C ASP A 249 12.71 4.94 5.39
N PHE A 250 12.30 5.05 4.13
CA PHE A 250 13.25 5.25 3.03
C PHE A 250 13.59 6.74 2.98
N SER A 251 14.45 7.16 3.91
CA SER A 251 14.86 8.55 4.04
C SER A 251 16.04 8.98 3.19
N LEU A 252 16.60 8.06 2.42
CA LEU A 252 17.73 8.38 1.56
C LEU A 252 18.73 9.28 2.30
N ASP A 253 19.00 8.98 3.58
CA ASP A 253 19.94 9.78 4.34
C ASP A 253 20.91 8.93 5.18
N PRO A 254 21.74 8.12 4.50
CA PRO A 254 21.86 7.95 3.04
C PRO A 254 20.94 6.93 2.38
N THR A 255 20.34 6.04 3.17
CA THR A 255 19.50 5.00 2.60
C THR A 255 18.14 4.89 3.26
N PHE A 256 18.04 4.03 4.27
CA PHE A 256 16.78 3.85 4.98
C PHE A 256 17.02 3.82 6.46
N THR A 257 15.95 3.98 7.23
CA THR A 257 16.00 3.99 8.69
C THR A 257 14.90 3.12 9.26
N ILE A 258 15.25 2.31 10.24
CA ILE A 258 14.29 1.42 10.89
C ILE A 258 14.06 1.96 12.30
N GLU A 259 12.87 2.53 12.51
CA GLU A 259 12.50 3.11 13.80
C GLU A 259 11.47 2.31 14.57
N THR A 260 11.74 2.11 15.85
CA THR A 260 10.85 1.37 16.71
C THR A 260 10.19 2.33 17.69
N THR A 261 8.87 2.49 17.54
CA THR A 261 8.12 3.41 18.41
C THR A 261 6.88 2.77 19.06
N THR A 262 6.54 3.25 20.25
CA THR A 262 5.38 2.76 20.99
C THR A 262 4.11 3.44 20.47
N VAL A 263 3.14 2.62 20.02
CA VAL A 263 1.90 3.13 19.46
C VAL A 263 0.71 2.35 20.06
N PRO A 264 -0.51 2.91 19.99
CA PRO A 264 -1.71 2.24 20.53
C PRO A 264 -1.99 0.91 19.82
N GLN A 265 -2.46 -0.08 20.57
CA GLN A 265 -2.70 -1.40 20.03
C GLN A 265 -3.76 -1.43 18.94
N ASP A 266 -3.72 -2.48 18.12
CA ASP A 266 -4.67 -2.66 17.03
C ASP A 266 -5.75 -3.64 17.43
N ALA A 267 -6.57 -4.04 16.46
CA ALA A 267 -7.65 -4.96 16.73
C ALA A 267 -7.15 -6.36 17.08
N VAL A 268 -6.14 -6.82 16.36
CA VAL A 268 -5.56 -8.15 16.58
C VAL A 268 -5.13 -8.34 18.02
N SER A 269 -4.35 -7.38 18.48
CA SER A 269 -3.82 -7.39 19.82
C SER A 269 -4.91 -7.35 20.89
N ARG A 270 -5.90 -6.49 20.71
CA ARG A 270 -6.98 -6.35 21.67
C ARG A 270 -7.73 -7.66 21.87
N SER A 271 -8.13 -8.30 20.77
CA SER A 271 -8.85 -9.56 20.85
C SER A 271 -7.99 -10.69 21.42
N GLN A 272 -6.74 -10.79 20.97
CA GLN A 272 -5.86 -11.86 21.46
C GLN A 272 -5.52 -11.73 22.93
N ARG A 273 -5.20 -10.51 23.37
CA ARG A 273 -4.87 -10.27 24.78
C ARG A 273 -6.11 -10.55 25.62
N ARG A 274 -7.23 -9.95 25.21
CA ARG A 274 -8.49 -10.14 25.92
C ARG A 274 -8.71 -11.63 26.02
N GLY A 275 -8.50 -12.30 24.89
CA GLY A 275 -8.68 -13.74 24.80
C GLY A 275 -7.88 -14.60 25.75
N ARG A 276 -6.96 -14.02 26.52
CA ARG A 276 -6.18 -14.82 27.47
C ARG A 276 -7.05 -15.23 28.66
N THR A 277 -8.22 -14.58 28.80
CA THR A 277 -9.17 -14.93 29.85
C THR A 277 -10.46 -15.47 29.21
N GLY A 278 -11.43 -15.83 30.02
CA GLY A 278 -12.67 -16.39 29.48
C GLY A 278 -12.39 -17.56 28.55
N ARG A 279 -11.51 -18.46 28.98
CA ARG A 279 -11.15 -19.62 28.18
C ARG A 279 -11.79 -20.87 28.77
N GLY A 280 -12.98 -21.22 28.29
CA GLY A 280 -13.68 -22.37 28.84
C GLY A 280 -14.55 -21.97 30.04
N ARG A 281 -14.49 -20.71 30.46
CA ARG A 281 -15.32 -20.25 31.56
C ARG A 281 -15.39 -18.73 31.55
N MET A 282 -16.22 -18.17 32.41
CA MET A 282 -16.38 -16.73 32.45
C MET A 282 -15.07 -16.01 32.79
N GLY A 283 -14.92 -14.79 32.28
CA GLY A 283 -13.72 -14.01 32.53
C GLY A 283 -14.02 -12.53 32.44
N ILE A 284 -13.08 -11.71 32.91
CA ILE A 284 -13.25 -10.27 32.89
C ILE A 284 -12.08 -9.58 32.23
N TYR A 285 -12.38 -8.66 31.32
CA TYR A 285 -11.38 -7.90 30.60
C TYR A 285 -11.49 -6.42 30.98
N ARG A 286 -10.46 -5.88 31.65
CA ARG A 286 -10.43 -4.48 32.05
C ARG A 286 -9.45 -3.78 31.13
N PHE A 287 -9.81 -2.61 30.63
CA PHE A 287 -8.95 -1.85 29.74
C PHE A 287 -8.82 -0.40 30.15
N VAL A 288 -7.84 0.29 29.54
CA VAL A 288 -7.54 1.70 29.76
C VAL A 288 -8.22 2.57 28.69
N THR A 289 -8.34 2.04 27.48
CA THR A 289 -8.98 2.75 26.41
C THR A 289 -9.87 1.76 25.65
N PRO A 290 -11.00 2.24 25.13
CA PRO A 290 -11.94 1.41 24.40
C PRO A 290 -11.62 1.25 22.92
N GLY A 291 -11.01 2.27 22.33
CA GLY A 291 -10.70 2.22 20.91
C GLY A 291 -9.65 1.20 20.50
N GLU A 292 -9.57 0.94 19.19
CA GLU A 292 -8.60 0.01 18.65
C GLU A 292 -8.34 0.35 17.19
N ARG A 293 -7.07 0.31 16.77
CA ARG A 293 -6.74 0.60 15.39
C ARG A 293 -6.96 -0.63 14.52
N PRO A 294 -7.12 -0.43 13.21
CA PRO A 294 -7.34 -1.50 12.24
C PRO A 294 -6.19 -2.52 12.18
N SER A 295 -6.41 -3.63 11.48
CA SER A 295 -5.41 -4.69 11.34
C SER A 295 -5.48 -5.34 9.96
N GLY A 296 -4.50 -6.18 9.65
CA GLY A 296 -4.50 -6.86 8.37
C GLY A 296 -3.37 -6.46 7.43
N MET A 297 -2.52 -5.55 7.89
CA MET A 297 -1.39 -5.10 7.07
C MET A 297 -0.14 -4.91 7.91
N PHE A 298 1.02 -5.09 7.28
CA PHE A 298 2.26 -4.93 8.00
C PHE A 298 3.32 -4.13 7.23
N ASP A 299 4.15 -3.44 7.99
CA ASP A 299 5.19 -2.60 7.44
C ASP A 299 6.20 -3.40 6.62
N SER A 300 6.92 -2.68 5.76
CA SER A 300 7.94 -3.25 4.89
C SER A 300 9.17 -3.67 5.70
N SER A 301 9.35 -3.09 6.89
CA SER A 301 10.49 -3.44 7.72
C SER A 301 10.47 -4.93 8.09
N VAL A 302 9.26 -5.50 8.18
CA VAL A 302 9.08 -6.91 8.49
C VAL A 302 9.71 -7.78 7.39
N LEU A 303 9.57 -7.35 6.13
CA LEU A 303 10.16 -8.13 5.04
C LEU A 303 11.65 -8.07 5.20
N CYS A 304 12.14 -6.89 5.58
CA CYS A 304 13.56 -6.67 5.77
C CYS A 304 14.10 -7.60 6.84
N GLU A 305 13.31 -7.75 7.89
CA GLU A 305 13.70 -8.60 8.99
C GLU A 305 13.74 -10.09 8.62
N CYS A 306 12.93 -10.49 7.66
CA CYS A 306 12.90 -11.88 7.19
C CYS A 306 14.18 -12.24 6.48
N TYR A 307 14.63 -11.37 5.58
CA TYR A 307 15.86 -11.61 4.88
C TYR A 307 17.01 -11.61 5.87
N ASP A 308 16.98 -10.69 6.83
CA ASP A 308 18.05 -10.63 7.84
C ASP A 308 18.03 -11.94 8.64
N ALA A 309 16.85 -12.38 9.04
CA ALA A 309 16.72 -13.63 9.80
C ALA A 309 17.18 -14.82 8.97
N GLY A 310 16.87 -14.81 7.69
CA GLY A 310 17.27 -15.90 6.83
C GLY A 310 18.79 -16.01 6.71
N CYS A 311 19.45 -14.86 6.68
CA CYS A 311 20.89 -14.85 6.57
C CYS A 311 21.57 -15.19 7.88
N ALA A 312 21.16 -14.54 8.95
CA ALA A 312 21.80 -14.76 10.24
C ALA A 312 21.38 -16.02 10.98
N TRP A 313 20.14 -16.44 10.82
CA TRP A 313 19.69 -17.60 11.57
C TRP A 313 19.47 -18.90 10.84
N TYR A 314 18.78 -18.81 9.72
CA TYR A 314 18.41 -20.01 8.99
C TYR A 314 19.22 -20.43 7.79
N GLU A 315 20.39 -19.86 7.60
CA GLU A 315 21.23 -20.25 6.47
C GLU A 315 20.46 -20.18 5.14
N LEU A 316 19.70 -19.11 4.92
CA LEU A 316 18.94 -18.95 3.68
C LEU A 316 19.50 -17.81 2.83
N THR A 317 19.63 -18.05 1.53
CA THR A 317 20.12 -17.03 0.63
C THR A 317 18.95 -16.09 0.40
N PRO A 318 19.23 -14.83 0.04
CA PRO A 318 18.17 -13.86 -0.21
C PRO A 318 17.17 -14.37 -1.23
N ALA A 319 17.66 -15.10 -2.22
CA ALA A 319 16.77 -15.62 -3.25
C ALA A 319 15.84 -16.69 -2.69
N GLU A 320 16.38 -17.56 -1.85
CA GLU A 320 15.61 -18.62 -1.22
C GLU A 320 14.51 -18.02 -0.35
N THR A 321 14.85 -17.02 0.44
CA THR A 321 13.83 -16.42 1.29
C THR A 321 12.77 -15.76 0.42
N SER A 322 13.15 -15.29 -0.76
CA SER A 322 12.18 -14.68 -1.67
C SER A 322 11.18 -15.69 -2.17
N VAL A 323 11.64 -16.93 -2.40
CA VAL A 323 10.75 -17.99 -2.87
C VAL A 323 9.68 -18.28 -1.80
N ARG A 324 10.08 -18.26 -0.54
CA ARG A 324 9.15 -18.51 0.57
C ARG A 324 8.17 -17.37 0.80
N LEU A 325 8.66 -16.14 0.71
CA LEU A 325 7.83 -14.97 0.92
C LEU A 325 6.80 -14.82 -0.21
N ARG A 326 7.21 -15.17 -1.41
CA ARG A 326 6.33 -15.11 -2.57
C ARG A 326 5.16 -16.05 -2.33
N ALA A 327 5.45 -17.23 -1.80
CA ALA A 327 4.40 -18.19 -1.54
C ALA A 327 3.41 -17.62 -0.53
N TYR A 328 3.93 -16.88 0.45
CA TYR A 328 3.06 -16.29 1.46
C TYR A 328 2.16 -15.25 0.81
N LEU A 329 2.74 -14.36 0.00
CA LEU A 329 1.95 -13.32 -0.66
C LEU A 329 0.94 -13.88 -1.64
N ASN A 330 1.28 -14.99 -2.29
CA ASN A 330 0.36 -15.59 -3.26
C ASN A 330 -0.78 -16.36 -2.59
N THR A 331 -0.89 -16.28 -1.26
CA THR A 331 -1.96 -17.01 -0.56
C THR A 331 -2.99 -16.08 0.03
N PRO A 332 -4.23 -16.12 -0.48
CA PRO A 332 -5.33 -15.26 0.00
C PRO A 332 -5.65 -15.49 1.47
N GLY A 333 -6.27 -14.49 2.10
CA GLY A 333 -6.64 -14.60 3.50
C GLY A 333 -5.55 -14.28 4.49
N LEU A 334 -4.36 -13.95 4.03
CA LEU A 334 -3.28 -13.64 4.95
C LEU A 334 -3.00 -12.14 4.97
N PRO A 335 -2.30 -11.67 6.00
CA PRO A 335 -1.97 -10.25 6.10
C PRO A 335 -1.20 -9.83 4.86
N VAL A 336 -1.49 -8.64 4.34
CA VAL A 336 -0.83 -8.13 3.14
C VAL A 336 0.20 -7.04 3.45
N CYS A 337 1.01 -6.70 2.46
CA CYS A 337 2.02 -5.66 2.62
C CYS A 337 2.54 -5.28 1.24
N GLN A 338 3.32 -4.20 1.17
CA GLN A 338 3.89 -3.72 -0.08
C GLN A 338 4.79 -4.79 -0.70
N ASP A 339 4.66 -5.05 -1.99
CA ASP A 339 5.51 -6.06 -2.65
C ASP A 339 6.91 -5.50 -2.87
N HIS A 340 7.76 -5.60 -1.85
CA HIS A 340 9.13 -5.13 -1.95
C HIS A 340 10.13 -6.28 -1.90
N LEU A 341 9.68 -7.48 -2.19
CA LEU A 341 10.56 -8.64 -2.14
C LEU A 341 11.84 -8.49 -2.94
N GLU A 342 11.70 -7.98 -4.16
CA GLU A 342 12.87 -7.83 -5.02
C GLU A 342 13.80 -6.76 -4.48
N PHE A 343 13.24 -5.68 -3.96
CA PHE A 343 14.07 -4.62 -3.42
C PHE A 343 14.96 -5.14 -2.28
N TRP A 344 14.37 -5.86 -1.31
CA TRP A 344 15.12 -6.37 -0.18
C TRP A 344 16.09 -7.47 -0.55
N GLU A 345 15.69 -8.32 -1.49
CA GLU A 345 16.56 -9.40 -1.92
C GLU A 345 17.83 -8.78 -2.50
N SER A 346 17.68 -7.77 -3.35
CA SER A 346 18.84 -7.14 -3.97
C SER A 346 19.76 -6.48 -2.94
N VAL A 347 19.18 -5.84 -1.94
CA VAL A 347 19.97 -5.19 -0.89
C VAL A 347 20.84 -6.20 -0.14
N PHE A 348 20.25 -7.29 0.34
CA PHE A 348 21.01 -8.30 1.08
C PHE A 348 21.95 -9.07 0.19
N THR A 349 21.60 -9.18 -1.08
CA THR A 349 22.45 -9.90 -2.00
C THR A 349 23.80 -9.20 -2.08
N GLY A 350 23.81 -7.89 -1.84
CA GLY A 350 25.05 -7.13 -1.92
C GLY A 350 25.92 -7.15 -0.69
N LEU A 351 25.34 -7.53 0.45
CA LEU A 351 26.08 -7.57 1.71
C LEU A 351 26.82 -8.89 1.82
N THR A 352 27.95 -8.99 1.13
CA THR A 352 28.73 -10.21 1.14
C THR A 352 29.98 -10.18 2.04
N HIS A 353 30.48 -11.37 2.34
CA HIS A 353 31.67 -11.58 3.18
C HIS A 353 31.58 -10.96 4.58
N ILE A 354 30.45 -11.15 5.25
CA ILE A 354 30.28 -10.62 6.59
C ILE A 354 31.25 -11.32 7.54
N ASP A 355 31.61 -10.63 8.62
CA ASP A 355 32.50 -11.16 9.63
C ASP A 355 31.73 -12.07 10.56
N ALA A 356 32.06 -13.35 10.54
CA ALA A 356 31.40 -14.34 11.36
C ALA A 356 31.41 -14.01 12.85
N HIS A 357 32.59 -13.60 13.35
CA HIS A 357 32.74 -13.29 14.77
C HIS A 357 31.77 -12.21 15.21
N PHE A 358 31.58 -11.21 14.36
CA PHE A 358 30.65 -10.12 14.64
C PHE A 358 29.21 -10.60 14.63
N LEU A 359 28.88 -11.52 13.72
CA LEU A 359 27.52 -12.03 13.61
C LEU A 359 27.14 -12.83 14.85
N SER A 360 28.04 -13.70 15.28
CA SER A 360 27.80 -14.53 16.43
C SER A 360 27.65 -13.69 17.70
N GLN A 361 28.14 -12.45 17.65
CA GLN A 361 28.04 -11.54 18.79
C GLN A 361 26.73 -10.75 18.73
N THR A 362 26.27 -10.44 17.52
CA THR A 362 25.01 -9.71 17.39
C THR A 362 23.84 -10.63 17.68
N LYS A 363 23.93 -11.89 17.26
CA LYS A 363 22.85 -12.85 17.52
C LYS A 363 22.75 -13.09 19.04
N GLN A 364 23.90 -13.24 19.68
CA GLN A 364 23.92 -13.45 21.13
C GLN A 364 23.27 -12.27 21.83
N ALA A 365 23.60 -11.07 21.39
CA ALA A 365 23.04 -9.87 21.98
C ALA A 365 21.54 -9.82 21.75
N GLY A 366 21.05 -10.66 20.84
CA GLY A 366 19.62 -10.68 20.56
C GLY A 366 19.09 -9.43 19.88
N ASP A 367 19.84 -8.89 18.94
CA ASP A 367 19.43 -7.69 18.21
C ASP A 367 18.28 -8.01 17.27
N ASN A 368 17.60 -6.97 16.77
CA ASN A 368 16.48 -7.15 15.86
C ASN A 368 16.95 -7.51 14.46
N PHE A 369 18.01 -6.83 14.02
CA PHE A 369 18.59 -7.05 12.71
C PHE A 369 20.06 -7.37 12.93
N PRO A 370 20.34 -8.56 13.48
CA PRO A 370 21.72 -8.98 13.75
C PRO A 370 22.61 -8.88 12.53
N TYR A 371 22.13 -9.37 11.40
CA TYR A 371 22.90 -9.35 10.16
C TYR A 371 23.26 -7.90 9.77
N LEU A 372 22.27 -7.02 9.66
CA LEU A 372 22.56 -5.64 9.29
C LEU A 372 23.53 -4.98 10.25
N VAL A 373 23.33 -5.20 11.56
CA VAL A 373 24.21 -4.64 12.57
C VAL A 373 25.62 -5.17 12.36
N ALA A 374 25.74 -6.49 12.27
CA ALA A 374 27.04 -7.15 12.08
C ALA A 374 27.72 -6.71 10.80
N TYR A 375 26.94 -6.45 9.75
CA TYR A 375 27.55 -6.04 8.51
C TYR A 375 28.07 -4.62 8.63
N GLN A 376 27.29 -3.73 9.23
CA GLN A 376 27.73 -2.36 9.42
C GLN A 376 29.06 -2.39 10.16
N ALA A 377 29.18 -3.28 11.15
CA ALA A 377 30.40 -3.40 11.93
C ALA A 377 31.53 -3.97 11.07
N THR A 378 31.18 -4.89 10.18
CA THR A 378 32.19 -5.49 9.33
C THR A 378 32.78 -4.43 8.42
N VAL A 379 31.93 -3.57 7.88
CA VAL A 379 32.42 -2.52 6.98
C VAL A 379 33.29 -1.54 7.77
N CYS A 380 32.91 -1.21 9.00
CA CYS A 380 33.72 -0.30 9.81
C CYS A 380 35.07 -0.91 10.15
N ALA A 381 35.07 -2.13 10.66
CA ALA A 381 36.32 -2.79 11.01
C ALA A 381 37.26 -2.86 9.81
N ARG A 382 36.70 -3.16 8.65
CA ARG A 382 37.51 -3.27 7.46
C ARG A 382 37.84 -1.94 6.80
N ALA A 383 37.51 -0.86 7.49
CA ALA A 383 37.77 0.48 7.01
C ALA A 383 38.56 1.23 8.07
N GLN A 384 38.88 0.55 9.18
CA GLN A 384 39.61 1.18 10.28
C GLN A 384 38.82 2.36 10.79
N ALA A 385 37.50 2.30 10.63
CA ALA A 385 36.62 3.39 11.06
C ALA A 385 35.72 2.98 12.22
N PRO A 386 35.28 3.95 13.02
CA PRO A 386 34.40 3.72 14.17
C PRO A 386 32.94 3.52 13.76
N PRO A 387 32.14 2.89 14.62
CA PRO A 387 30.72 2.66 14.34
C PRO A 387 29.90 3.94 14.41
N PRO A 388 28.59 3.86 14.10
CA PRO A 388 27.69 5.03 14.12
C PRO A 388 27.71 5.74 15.48
N SER A 389 27.72 4.95 16.56
CA SER A 389 27.74 5.47 17.93
C SER A 389 28.47 4.49 18.81
N TRP A 390 28.29 4.59 20.13
CA TRP A 390 28.96 3.67 21.02
C TRP A 390 28.04 3.01 22.03
N ASP A 391 26.75 2.90 21.69
CA ASP A 391 25.81 2.26 22.59
C ASP A 391 25.99 0.74 22.52
N GLN A 392 25.20 0.00 23.29
CA GLN A 392 25.31 -1.46 23.34
C GLN A 392 25.37 -2.10 21.96
N MET A 393 24.56 -1.58 21.05
CA MET A 393 24.49 -2.10 19.69
C MET A 393 25.84 -2.35 19.03
N TRP A 394 26.81 -1.47 19.30
CA TRP A 394 28.12 -1.64 18.70
C TRP A 394 29.20 -2.12 19.65
N LYS A 395 28.81 -2.80 20.73
CA LYS A 395 29.79 -3.29 21.71
C LYS A 395 30.84 -4.21 21.11
N CYS A 396 30.52 -4.87 20.00
CA CYS A 396 31.47 -5.78 19.36
C CYS A 396 32.71 -5.06 18.85
N LEU A 397 32.64 -3.73 18.85
CA LEU A 397 33.75 -2.92 18.37
C LEU A 397 34.44 -2.12 19.47
N ILE A 398 33.76 -1.92 20.60
CA ILE A 398 34.32 -1.15 21.71
C ILE A 398 35.78 -1.49 21.98
N ARG A 399 36.16 -2.77 21.92
CA ARG A 399 37.55 -3.14 22.15
C ARG A 399 38.36 -3.08 20.84
N LEU A 400 38.30 -1.93 20.18
CA LEU A 400 39.02 -1.75 18.93
C LEU A 400 39.25 -0.29 18.63
N LYS A 401 38.73 0.59 19.49
CA LYS A 401 38.88 2.01 19.29
C LYS A 401 40.32 2.44 18.93
N PRO A 402 41.33 1.90 19.63
CA PRO A 402 42.73 2.25 19.36
C PRO A 402 43.12 2.17 17.89
N THR A 403 42.26 1.56 17.07
CA THR A 403 42.55 1.42 15.65
C THR A 403 41.49 2.05 14.78
N LEU A 404 40.37 2.43 15.38
CA LEU A 404 39.27 3.03 14.66
C LEU A 404 39.32 4.54 14.64
N HIS A 405 39.45 5.11 13.45
CA HIS A 405 39.51 6.56 13.30
C HIS A 405 38.76 7.01 12.05
N GLY A 406 38.50 8.31 11.96
CA GLY A 406 37.82 8.87 10.81
C GLY A 406 36.30 8.78 10.81
N PRO A 407 35.66 9.06 9.65
CA PRO A 407 34.20 9.00 9.53
C PRO A 407 33.69 7.56 9.45
N THR A 408 32.43 7.38 9.78
CA THR A 408 31.79 6.07 9.75
C THR A 408 31.14 5.83 8.41
N PRO A 409 31.41 4.67 7.78
CA PRO A 409 30.83 4.32 6.47
C PRO A 409 29.38 3.91 6.71
N LEU A 410 28.52 4.90 6.91
CA LEU A 410 27.11 4.65 7.19
C LEU A 410 26.39 3.93 6.06
N LEU A 411 25.85 2.75 6.35
CA LEU A 411 25.14 2.01 5.31
C LEU A 411 23.65 2.23 5.39
N TYR A 412 23.17 2.46 6.61
CA TYR A 412 21.75 2.66 6.87
C TYR A 412 21.61 3.05 8.33
N ARG A 413 20.39 3.35 8.76
CA ARG A 413 20.19 3.74 10.15
C ARG A 413 19.40 2.76 11.03
N LEU A 414 20.10 2.09 11.93
CA LEU A 414 19.50 1.14 12.86
C LEU A 414 19.24 1.84 14.19
N GLY A 415 20.00 2.89 14.46
CA GLY A 415 19.82 3.63 15.69
C GLY A 415 20.31 5.05 15.52
N ALA A 416 20.68 5.69 16.63
CA ALA A 416 21.17 7.06 16.58
C ALA A 416 22.61 7.14 16.12
N VAL A 417 22.91 8.14 15.31
CA VAL A 417 24.24 8.38 14.77
C VAL A 417 24.91 9.58 15.47
N GLN A 418 26.02 9.34 16.14
CA GLN A 418 26.70 10.40 16.85
C GLN A 418 28.09 10.74 16.32
N ASN A 419 28.65 9.85 15.51
CA ASN A 419 29.98 10.08 14.96
C ASN A 419 29.89 10.79 13.61
N GLU A 420 31.03 11.10 13.03
CA GLU A 420 31.08 11.75 11.72
C GLU A 420 30.71 10.68 10.71
N VAL A 421 30.12 11.09 9.59
CA VAL A 421 29.67 10.15 8.58
C VAL A 421 30.16 10.38 7.16
N THR A 422 30.34 9.27 6.44
CA THR A 422 30.74 9.27 5.04
C THR A 422 29.72 8.38 4.33
N THR A 423 29.29 8.81 3.15
CA THR A 423 28.31 8.07 2.36
C THR A 423 28.90 7.69 1.01
N THR A 424 30.23 7.68 0.93
CA THR A 424 30.92 7.37 -0.32
C THR A 424 31.36 5.91 -0.46
N HIS A 425 31.15 5.13 0.60
CA HIS A 425 31.54 3.73 0.57
C HIS A 425 30.71 2.99 -0.48
N PRO A 426 31.34 2.06 -1.21
CA PRO A 426 30.67 1.26 -2.26
C PRO A 426 29.37 0.63 -1.81
N ILE A 427 29.35 0.05 -0.62
CA ILE A 427 28.14 -0.59 -0.12
C ILE A 427 27.00 0.41 -0.01
N THR A 428 27.27 1.57 0.57
CA THR A 428 26.25 2.60 0.70
C THR A 428 25.71 2.97 -0.67
N LYS A 429 26.61 3.10 -1.64
CA LYS A 429 26.24 3.47 -3.01
C LYS A 429 25.34 2.39 -3.58
N TYR A 430 25.75 1.14 -3.42
CA TYR A 430 25.01 0.01 -3.91
C TYR A 430 23.56 0.06 -3.43
N ILE A 431 23.38 0.18 -2.12
CA ILE A 431 22.05 0.22 -1.54
C ILE A 431 21.22 1.39 -2.10
N MET A 432 21.88 2.51 -2.36
CA MET A 432 21.19 3.68 -2.92
C MET A 432 20.64 3.33 -4.31
N ALA A 433 21.43 2.60 -5.11
CA ALA A 433 20.98 2.22 -6.45
C ALA A 433 19.80 1.25 -6.38
N CYS A 434 19.72 0.46 -5.32
CA CYS A 434 18.60 -0.47 -5.16
C CYS A 434 17.34 0.33 -4.89
N MET A 435 17.50 1.50 -4.27
CA MET A 435 16.35 2.33 -3.94
C MET A 435 15.85 3.21 -5.06
N SER A 436 16.75 4.02 -5.62
CA SER A 436 16.40 4.92 -6.72
C SER A 436 15.76 4.16 -7.89
N ALA A 437 16.25 2.94 -8.13
CA ALA A 437 15.74 2.09 -9.21
C ALA A 437 16.27 0.64 -9.14
N SER B 1 -9.66 12.41 -47.40
CA SER B 1 -11.02 12.83 -46.93
C SER B 1 -11.40 12.07 -45.66
N PRO B 2 -11.72 12.79 -44.56
CA PRO B 2 -12.12 12.24 -43.26
C PRO B 2 -13.43 11.45 -43.30
N PRO B 3 -13.77 10.75 -42.20
CA PRO B 3 -15.01 9.96 -42.08
C PRO B 3 -16.26 10.79 -42.46
N ALA B 4 -16.86 10.48 -43.61
CA ALA B 4 -18.03 11.21 -44.10
C ALA B 4 -19.13 11.37 -43.05
N VAL B 5 -19.97 12.40 -43.24
CA VAL B 5 -21.06 12.68 -42.32
C VAL B 5 -22.35 12.08 -42.83
N PRO B 6 -22.89 11.09 -42.12
CA PRO B 6 -24.13 10.42 -42.50
C PRO B 6 -25.39 11.24 -42.24
N GLN B 7 -26.51 10.82 -42.82
CA GLN B 7 -27.76 11.54 -42.63
C GLN B 7 -28.17 11.51 -41.15
N THR B 8 -28.12 10.34 -40.55
CA THR B 8 -28.51 10.20 -39.17
C THR B 8 -27.32 9.80 -38.31
N PHE B 9 -27.48 9.94 -37.00
CA PHE B 9 -26.43 9.63 -36.06
C PHE B 9 -25.67 8.32 -36.29
N GLN B 10 -24.36 8.39 -36.10
CA GLN B 10 -23.50 7.23 -36.24
C GLN B 10 -22.23 7.45 -35.44
N VAL B 11 -21.59 6.36 -35.04
CA VAL B 11 -20.35 6.46 -34.29
C VAL B 11 -19.24 5.88 -35.14
N ALA B 12 -18.14 6.60 -35.32
CA ALA B 12 -17.03 6.12 -36.13
C ALA B 12 -15.71 6.13 -35.37
N HIS B 13 -14.84 5.20 -35.71
CA HIS B 13 -13.54 5.12 -35.06
C HIS B 13 -12.46 5.64 -36.01
N LEU B 14 -11.52 6.41 -35.49
CA LEU B 14 -10.44 6.96 -36.30
C LEU B 14 -9.10 6.62 -35.67
N HIS B 15 -8.34 5.72 -36.30
CA HIS B 15 -7.05 5.33 -35.75
C HIS B 15 -5.94 5.76 -36.69
N ALA B 16 -5.05 6.63 -36.24
CA ALA B 16 -3.94 7.10 -37.06
C ALA B 16 -2.78 7.40 -36.13
N PRO B 17 -1.53 7.31 -36.63
CA PRO B 17 -0.34 7.57 -35.82
C PRO B 17 -0.31 8.94 -35.14
N THR B 18 0.50 9.06 -34.10
CA THR B 18 0.61 10.33 -33.39
C THR B 18 1.11 11.40 -34.34
N GLY B 19 0.53 12.60 -34.22
CA GLY B 19 0.92 13.69 -35.08
C GLY B 19 0.44 13.52 -36.52
N SER B 20 -0.58 12.67 -36.74
CA SER B 20 -1.10 12.48 -38.10
C SER B 20 -1.91 13.68 -38.54
N GLY B 21 -2.80 14.14 -37.66
CA GLY B 21 -3.64 15.27 -37.98
C GLY B 21 -5.08 14.99 -37.61
N LYS B 22 -5.29 14.07 -36.67
CA LYS B 22 -6.65 13.73 -36.27
C LYS B 22 -7.34 14.90 -35.61
N SER B 23 -6.57 15.70 -34.87
CA SER B 23 -7.08 16.85 -34.14
C SER B 23 -7.12 18.19 -34.88
N THR B 24 -6.36 18.30 -35.96
CA THR B 24 -6.31 19.55 -36.70
C THR B 24 -6.82 19.40 -38.12
N LYS B 25 -6.17 18.56 -38.91
CA LYS B 25 -6.59 18.37 -40.29
C LYS B 25 -8.02 17.87 -40.41
N VAL B 26 -8.36 16.81 -39.71
CA VAL B 26 -9.70 16.26 -39.82
C VAL B 26 -10.80 17.27 -39.50
N PRO B 27 -10.76 17.89 -38.31
CA PRO B 27 -11.79 18.86 -37.99
C PRO B 27 -11.77 20.04 -38.97
N ALA B 28 -10.60 20.39 -39.48
CA ALA B 28 -10.51 21.48 -40.44
C ALA B 28 -11.23 21.10 -41.74
N ALA B 29 -11.18 19.81 -42.10
CA ALA B 29 -11.85 19.33 -43.30
C ALA B 29 -13.37 19.36 -43.13
N TYR B 30 -13.85 19.00 -41.94
CA TYR B 30 -15.28 19.04 -41.71
C TYR B 30 -15.77 20.48 -41.79
N ALA B 31 -15.07 21.36 -41.11
CA ALA B 31 -15.42 22.77 -41.09
C ALA B 31 -15.59 23.29 -42.52
N ALA B 32 -14.62 22.95 -43.37
CA ALA B 32 -14.63 23.35 -44.78
C ALA B 32 -15.92 22.90 -45.49
N GLN B 33 -16.54 21.86 -44.96
CA GLN B 33 -17.78 21.32 -45.52
C GLN B 33 -19.02 22.05 -44.97
N GLY B 34 -18.79 23.00 -44.07
CA GLY B 34 -19.89 23.75 -43.50
C GLY B 34 -20.49 23.19 -42.22
N TYR B 35 -19.81 22.23 -41.61
CA TYR B 35 -20.28 21.59 -40.37
C TYR B 35 -19.71 22.21 -39.10
N LYS B 36 -20.46 22.12 -37.99
CA LYS B 36 -19.97 22.64 -36.71
C LYS B 36 -19.30 21.47 -36.02
N VAL B 37 -18.03 21.64 -35.64
CA VAL B 37 -17.26 20.57 -35.00
C VAL B 37 -16.77 20.89 -33.59
N LEU B 38 -16.93 19.92 -32.71
CA LEU B 38 -16.49 20.06 -31.32
C LEU B 38 -15.43 19.00 -31.06
N VAL B 39 -14.22 19.42 -30.72
CA VAL B 39 -13.13 18.49 -30.46
C VAL B 39 -12.80 18.45 -29.00
N LEU B 40 -13.05 17.31 -28.36
CA LEU B 40 -12.80 17.13 -26.94
C LEU B 40 -11.47 16.46 -26.65
N ASN B 41 -10.68 17.07 -25.77
CA ASN B 41 -9.38 16.54 -25.39
C ASN B 41 -9.24 16.47 -23.87
N PRO B 42 -8.40 15.55 -23.40
CA PRO B 42 -8.28 15.50 -21.94
C PRO B 42 -7.31 16.56 -21.43
N SER B 43 -6.27 16.84 -22.21
CA SER B 43 -5.24 17.82 -21.85
C SER B 43 -5.57 19.31 -22.03
N VAL B 44 -5.22 20.10 -21.02
CA VAL B 44 -5.43 21.54 -21.06
C VAL B 44 -4.42 22.16 -22.02
N ALA B 45 -3.16 21.76 -21.91
CA ALA B 45 -2.11 22.28 -22.78
C ALA B 45 -2.43 22.07 -24.25
N ALA B 46 -2.91 20.88 -24.58
CA ALA B 46 -3.26 20.54 -25.95
C ALA B 46 -4.40 21.42 -26.46
N THR B 47 -5.50 21.48 -25.70
CA THR B 47 -6.66 22.29 -26.08
C THR B 47 -6.25 23.72 -26.40
N LEU B 48 -5.50 24.35 -25.49
CA LEU B 48 -5.06 25.72 -25.70
C LEU B 48 -4.12 25.84 -26.87
N GLY B 49 -3.35 24.79 -27.14
CA GLY B 49 -2.40 24.82 -28.24
C GLY B 49 -2.96 24.97 -29.64
N PHE B 50 -4.11 24.37 -29.88
CA PHE B 50 -4.72 24.44 -31.19
C PHE B 50 -5.07 25.84 -31.66
N GLY B 51 -5.39 26.71 -30.70
CA GLY B 51 -5.76 28.08 -31.05
C GLY B 51 -4.90 28.78 -32.06
N ALA B 52 -3.63 29.00 -31.74
CA ALA B 52 -2.73 29.69 -32.62
C ALA B 52 -2.44 28.93 -33.90
N TYR B 53 -2.13 27.64 -33.78
CA TYR B 53 -1.81 26.86 -34.96
C TYR B 53 -2.95 26.82 -35.97
N MET B 54 -4.15 26.44 -35.52
CA MET B 54 -5.29 26.35 -36.42
C MET B 54 -5.49 27.65 -37.19
N SER B 55 -5.18 28.73 -36.51
CA SER B 55 -5.30 30.06 -37.06
C SER B 55 -4.38 30.26 -38.27
N LYS B 56 -3.07 30.07 -38.07
CA LYS B 56 -2.10 30.26 -39.14
C LYS B 56 -2.02 29.10 -40.12
N ALA B 57 -2.31 27.89 -39.66
CA ALA B 57 -2.21 26.74 -40.53
C ALA B 57 -3.45 26.45 -41.37
N HIS B 58 -4.63 26.49 -40.75
CA HIS B 58 -5.85 26.19 -41.49
C HIS B 58 -6.77 27.39 -41.68
N GLY B 59 -6.24 28.58 -41.40
CA GLY B 59 -7.01 29.79 -41.56
C GLY B 59 -8.34 29.77 -40.85
N ILE B 60 -8.31 29.59 -39.54
CA ILE B 60 -9.53 29.57 -38.74
C ILE B 60 -9.23 29.69 -37.26
N ASP B 61 -9.72 30.77 -36.65
CA ASP B 61 -9.48 30.99 -35.23
C ASP B 61 -10.62 30.30 -34.47
N PRO B 62 -10.35 29.12 -33.91
CA PRO B 62 -11.37 28.37 -33.16
C PRO B 62 -11.66 28.84 -31.76
N ASN B 63 -12.74 28.31 -31.22
CA ASN B 63 -13.16 28.59 -29.87
C ASN B 63 -12.35 27.66 -28.98
N ILE B 64 -11.79 28.19 -27.89
CA ILE B 64 -11.00 27.37 -26.97
C ILE B 64 -11.74 27.37 -25.64
N ARG B 65 -11.86 26.20 -25.02
CA ARG B 65 -12.57 26.12 -23.77
C ARG B 65 -11.88 25.20 -22.78
N THR B 66 -11.39 25.77 -21.69
CA THR B 66 -10.73 25.00 -20.64
C THR B 66 -11.14 25.62 -19.33
N GLY B 67 -10.82 24.95 -18.23
CA GLY B 67 -11.17 25.48 -16.94
C GLY B 67 -10.55 26.82 -16.60
N VAL B 68 -9.31 27.05 -17.01
CA VAL B 68 -8.63 28.30 -16.69
C VAL B 68 -8.74 29.40 -17.72
N ARG B 69 -8.97 29.03 -18.98
CA ARG B 69 -9.08 30.02 -20.03
C ARG B 69 -10.07 29.60 -21.10
N THR B 70 -10.76 30.58 -21.66
CA THR B 70 -11.73 30.31 -22.72
C THR B 70 -11.66 31.43 -23.75
N ILE B 71 -11.66 31.07 -25.02
CA ILE B 71 -11.62 32.07 -26.10
C ILE B 71 -12.82 31.86 -27.01
N THR B 72 -13.62 32.89 -27.17
CA THR B 72 -14.79 32.78 -28.03
C THR B 72 -14.61 33.62 -29.28
N THR B 73 -14.79 33.00 -30.44
CA THR B 73 -14.64 33.70 -31.71
C THR B 73 -15.85 33.49 -32.61
N GLY B 74 -16.68 32.50 -32.27
CA GLY B 74 -17.85 32.23 -33.09
C GLY B 74 -17.60 31.25 -34.23
N ALA B 75 -16.35 30.80 -34.39
CA ALA B 75 -16.00 29.85 -35.46
C ALA B 75 -16.80 28.56 -35.38
N PRO B 76 -16.86 27.81 -36.50
CA PRO B 76 -17.57 26.54 -36.56
C PRO B 76 -16.79 25.41 -35.87
N ILE B 77 -15.58 25.70 -35.41
CA ILE B 77 -14.80 24.68 -34.71
C ILE B 77 -14.54 25.10 -33.27
N THR B 78 -14.76 24.18 -32.34
CA THR B 78 -14.53 24.45 -30.94
C THR B 78 -13.66 23.37 -30.31
N TYR B 79 -12.64 23.78 -29.58
CA TYR B 79 -11.79 22.82 -28.90
C TYR B 79 -12.07 22.98 -27.41
N SER B 80 -12.39 21.88 -26.75
CA SER B 80 -12.66 21.91 -25.33
C SER B 80 -12.04 20.72 -24.64
N THR B 81 -11.86 20.81 -23.32
CA THR B 81 -11.33 19.70 -22.57
C THR B 81 -12.58 18.90 -22.21
N TYR B 82 -12.43 17.63 -21.83
CA TYR B 82 -13.58 16.82 -21.42
C TYR B 82 -14.15 17.44 -20.15
N GLY B 83 -13.25 17.88 -19.27
CA GLY B 83 -13.67 18.51 -18.02
C GLY B 83 -14.54 19.75 -18.22
N LYS B 84 -14.10 20.68 -19.09
CA LYS B 84 -14.88 21.90 -19.32
C LYS B 84 -16.22 21.55 -20.00
N PHE B 85 -16.18 20.58 -20.89
CA PHE B 85 -17.36 20.12 -21.60
C PHE B 85 -18.40 19.66 -20.57
N LEU B 86 -17.96 18.85 -19.61
CA LEU B 86 -18.87 18.36 -18.58
C LEU B 86 -19.39 19.51 -17.74
N ALA B 87 -18.48 20.39 -17.32
CA ALA B 87 -18.83 21.53 -16.49
C ALA B 87 -19.81 22.46 -17.20
N ASP B 88 -19.80 22.47 -18.53
CA ASP B 88 -20.72 23.30 -19.33
C ASP B 88 -22.06 22.59 -19.57
N GLY B 89 -22.19 21.36 -19.09
CA GLY B 89 -23.45 20.66 -19.27
C GLY B 89 -23.53 19.58 -20.33
N GLY B 90 -22.41 19.24 -20.94
CA GLY B 90 -22.44 18.22 -21.96
C GLY B 90 -23.03 18.73 -23.25
N CYS B 91 -23.66 17.84 -24.01
CA CYS B 91 -24.25 18.17 -25.29
C CYS B 91 -25.32 19.24 -25.26
N SER B 92 -25.91 19.46 -24.09
CA SER B 92 -26.94 20.49 -23.98
C SER B 92 -26.28 21.87 -23.90
N GLY B 93 -24.95 21.90 -23.81
CA GLY B 93 -24.26 23.17 -23.74
C GLY B 93 -23.90 23.73 -25.10
N GLY B 94 -24.46 23.16 -26.16
CA GLY B 94 -24.19 23.62 -27.51
C GLY B 94 -24.65 22.58 -28.52
N ALA B 95 -25.08 23.04 -29.71
CA ALA B 95 -25.54 22.15 -30.77
C ALA B 95 -24.47 22.00 -31.85
N TYR B 96 -23.87 20.81 -31.94
CA TYR B 96 -22.85 20.56 -32.94
C TYR B 96 -23.27 19.45 -33.90
N ASP B 97 -22.75 19.49 -35.11
CA ASP B 97 -23.07 18.45 -36.08
C ASP B 97 -22.17 17.27 -35.83
N ILE B 98 -20.90 17.56 -35.61
CA ILE B 98 -19.91 16.53 -35.38
C ILE B 98 -19.17 16.70 -34.07
N ILE B 99 -18.91 15.59 -33.40
CA ILE B 99 -18.19 15.62 -32.14
C ILE B 99 -17.04 14.65 -32.15
N ILE B 100 -15.82 15.19 -32.12
CA ILE B 100 -14.62 14.36 -32.10
C ILE B 100 -14.21 14.13 -30.65
N CYS B 101 -14.04 12.86 -30.30
CA CYS B 101 -13.61 12.49 -28.96
C CYS B 101 -12.16 12.04 -29.05
N ASP B 102 -11.23 12.99 -28.94
CA ASP B 102 -9.80 12.65 -29.01
C ASP B 102 -9.34 11.86 -27.80
N GLU B 103 -8.25 11.12 -27.99
CA GLU B 103 -7.65 10.29 -26.96
C GLU B 103 -8.72 9.45 -26.28
N CYS B 104 -9.62 8.91 -27.08
CA CYS B 104 -10.70 8.09 -26.55
C CYS B 104 -10.17 6.86 -25.79
N HIS B 105 -8.89 6.56 -25.98
CA HIS B 105 -8.26 5.44 -25.30
C HIS B 105 -8.03 5.77 -23.82
N SER B 106 -7.97 7.06 -23.50
CA SER B 106 -7.73 7.49 -22.12
C SER B 106 -8.60 6.77 -21.11
N THR B 107 -8.03 6.43 -19.96
CA THR B 107 -8.75 5.75 -18.92
C THR B 107 -8.86 6.57 -17.64
N ASP B 108 -8.79 7.90 -17.79
CA ASP B 108 -8.93 8.80 -16.64
C ASP B 108 -10.43 9.04 -16.48
N SER B 109 -10.87 9.28 -15.25
CA SER B 109 -12.30 9.46 -14.96
C SER B 109 -12.98 10.49 -15.83
N THR B 110 -12.39 11.69 -15.90
CA THR B 110 -12.98 12.78 -16.68
C THR B 110 -13.27 12.38 -18.12
N THR B 111 -12.32 11.71 -18.75
CA THR B 111 -12.50 11.30 -20.15
C THR B 111 -13.58 10.27 -20.30
N ILE B 112 -13.55 9.29 -19.40
CA ILE B 112 -14.53 8.22 -19.43
C ILE B 112 -15.92 8.82 -19.27
N LEU B 113 -16.04 9.78 -18.35
CA LEU B 113 -17.32 10.41 -18.09
C LEU B 113 -17.76 11.27 -19.26
N GLY B 114 -16.80 12.00 -19.84
CA GLY B 114 -17.13 12.88 -20.95
C GLY B 114 -17.66 12.09 -22.14
N ILE B 115 -16.90 11.08 -22.54
CA ILE B 115 -17.31 10.28 -23.66
C ILE B 115 -18.65 9.60 -23.41
N GLY B 116 -18.88 9.11 -22.20
CA GLY B 116 -20.15 8.50 -21.92
C GLY B 116 -21.28 9.51 -22.04
N THR B 117 -21.00 10.78 -21.74
CA THR B 117 -22.05 11.80 -21.83
C THR B 117 -22.38 12.03 -23.30
N VAL B 118 -21.34 12.09 -24.11
CA VAL B 118 -21.50 12.28 -25.54
C VAL B 118 -22.30 11.12 -26.18
N LEU B 119 -21.95 9.88 -25.87
CA LEU B 119 -22.63 8.75 -26.48
C LEU B 119 -24.09 8.61 -26.05
N ASP B 120 -24.46 9.29 -24.97
CA ASP B 120 -25.82 9.22 -24.48
C ASP B 120 -26.68 10.39 -24.94
N GLN B 121 -26.07 11.56 -25.13
CA GLN B 121 -26.84 12.73 -25.52
C GLN B 121 -26.69 13.22 -26.95
N ALA B 122 -25.55 12.94 -27.56
CA ALA B 122 -25.25 13.41 -28.91
C ALA B 122 -26.39 13.25 -29.92
N GLU B 123 -26.93 12.05 -30.07
CA GLU B 123 -27.99 11.83 -31.03
C GLU B 123 -29.19 12.73 -30.82
N THR B 124 -29.72 12.71 -29.62
CA THR B 124 -30.88 13.52 -29.29
C THR B 124 -30.56 14.99 -29.41
N ALA B 125 -29.29 15.32 -29.17
CA ALA B 125 -28.82 16.70 -29.24
C ALA B 125 -28.74 17.16 -30.68
N GLY B 126 -28.92 16.23 -31.62
CA GLY B 126 -28.88 16.62 -33.02
C GLY B 126 -27.58 16.35 -33.73
N ALA B 127 -26.66 15.68 -33.04
CA ALA B 127 -25.37 15.35 -33.63
C ALA B 127 -25.56 14.19 -34.61
N ARG B 128 -24.93 14.30 -35.78
CA ARG B 128 -25.07 13.23 -36.76
C ARG B 128 -23.85 12.33 -36.85
N LEU B 129 -22.76 12.74 -36.21
CA LEU B 129 -21.53 11.95 -36.22
C LEU B 129 -20.63 12.15 -35.00
N VAL B 130 -20.32 11.05 -34.32
CA VAL B 130 -19.42 11.07 -33.18
C VAL B 130 -18.19 10.29 -33.60
N VAL B 131 -17.01 10.90 -33.48
CA VAL B 131 -15.75 10.26 -33.85
C VAL B 131 -14.85 9.94 -32.66
N LEU B 132 -14.48 8.67 -32.51
CA LEU B 132 -13.61 8.27 -31.43
C LEU B 132 -12.19 8.14 -32.02
N ALA B 133 -11.38 9.17 -31.81
CA ALA B 133 -10.04 9.18 -32.37
C ALA B 133 -8.92 8.84 -31.39
N THR B 134 -7.90 8.15 -31.89
CA THR B 134 -6.75 7.80 -31.07
C THR B 134 -5.66 7.11 -31.86
N ALA B 135 -4.42 7.32 -31.44
CA ALA B 135 -3.30 6.69 -32.12
C ALA B 135 -2.97 5.39 -31.42
N THR B 136 -3.65 5.12 -30.30
CA THR B 136 -3.38 3.92 -29.54
C THR B 136 -4.67 3.25 -29.08
N PRO B 137 -5.36 2.56 -29.99
CA PRO B 137 -6.61 1.89 -29.64
C PRO B 137 -6.41 0.76 -28.62
N PRO B 138 -7.48 0.37 -27.89
CA PRO B 138 -7.39 -0.70 -26.89
C PRO B 138 -6.72 -1.96 -27.45
N GLY B 139 -5.74 -2.51 -26.72
CA GLY B 139 -5.07 -3.71 -27.17
C GLY B 139 -3.82 -3.52 -28.03
N SER B 140 -3.72 -2.37 -28.68
CA SER B 140 -2.58 -2.09 -29.54
C SER B 140 -1.26 -1.95 -28.78
N VAL B 141 -0.16 -2.27 -29.46
CA VAL B 141 1.17 -2.20 -28.88
C VAL B 141 2.02 -1.20 -29.68
N THR B 142 3.03 -0.63 -29.02
CA THR B 142 3.88 0.36 -29.66
C THR B 142 4.59 -0.23 -30.87
N VAL B 143 4.40 0.43 -32.02
CA VAL B 143 5.01 0.01 -33.26
C VAL B 143 5.88 1.14 -33.78
N PRO B 144 6.83 0.83 -34.67
CA PRO B 144 7.71 1.86 -35.22
C PRO B 144 6.96 3.06 -35.80
N HIS B 145 7.47 4.26 -35.54
CA HIS B 145 6.87 5.49 -36.06
C HIS B 145 7.77 6.00 -37.18
N PRO B 146 7.19 6.26 -38.36
CA PRO B 146 7.93 6.74 -39.53
C PRO B 146 8.76 8.02 -39.35
N ASN B 147 8.53 8.77 -38.27
CA ASN B 147 9.28 10.01 -38.04
C ASN B 147 10.11 9.97 -36.77
N ILE B 148 10.07 8.86 -36.05
CA ILE B 148 10.78 8.77 -34.79
C ILE B 148 11.82 7.68 -34.71
N GLU B 149 13.02 8.04 -34.27
CA GLU B 149 14.09 7.06 -34.12
C GLU B 149 14.25 6.85 -32.61
N GLU B 150 14.37 5.60 -32.21
CA GLU B 150 14.49 5.25 -30.80
C GLU B 150 15.91 4.85 -30.40
N VAL B 151 16.43 5.54 -29.39
CA VAL B 151 17.79 5.29 -28.89
C VAL B 151 17.76 5.11 -27.38
N ALA B 152 18.20 3.95 -26.92
CA ALA B 152 18.24 3.63 -25.50
C ALA B 152 19.35 4.38 -24.77
N LEU B 153 19.04 4.84 -23.56
CA LEU B 153 20.02 5.53 -22.73
C LEU B 153 20.92 4.48 -22.11
N SER B 154 22.09 4.89 -21.61
CA SER B 154 23.02 3.95 -20.98
C SER B 154 23.59 4.55 -19.70
N SER B 155 24.57 3.85 -19.13
CA SER B 155 25.21 4.28 -17.89
C SER B 155 26.14 5.46 -18.14
N THR B 156 26.35 5.78 -19.40
CA THR B 156 27.23 6.88 -19.77
C THR B 156 26.46 8.18 -19.91
N GLY B 157 26.91 9.20 -19.18
CA GLY B 157 26.25 10.49 -19.22
C GLY B 157 26.47 11.18 -17.89
N GLU B 158 26.53 12.51 -17.91
CA GLU B 158 26.77 13.26 -16.69
C GLU B 158 25.52 13.66 -15.91
N ILE B 159 24.35 13.25 -16.38
CA ILE B 159 23.13 13.60 -15.68
C ILE B 159 22.37 12.32 -15.30
N PRO B 160 22.32 12.01 -14.00
CA PRO B 160 21.63 10.82 -13.51
C PRO B 160 20.16 10.86 -13.91
N PHE B 161 19.63 9.72 -14.36
CA PHE B 161 18.23 9.68 -14.77
C PHE B 161 17.65 8.28 -14.66
N TYR B 162 16.83 8.08 -13.62
CA TYR B 162 16.17 6.81 -13.34
C TYR B 162 17.03 5.58 -13.57
N GLY B 163 18.24 5.58 -12.99
CA GLY B 163 19.12 4.44 -13.17
C GLY B 163 20.09 4.60 -14.32
N LYS B 164 19.64 5.20 -15.42
CA LYS B 164 20.52 5.42 -16.57
C LYS B 164 21.08 6.83 -16.45
N ALA B 165 21.64 7.34 -17.55
CA ALA B 165 22.21 8.66 -17.57
C ALA B 165 21.85 9.40 -18.85
N ILE B 166 21.95 10.73 -18.81
CA ILE B 166 21.63 11.56 -19.96
C ILE B 166 22.86 12.37 -20.39
N PRO B 167 23.37 12.11 -21.60
CA PRO B 167 24.53 12.85 -22.09
C PRO B 167 24.17 14.31 -22.37
N ILE B 168 24.84 15.25 -21.71
CA ILE B 168 24.54 16.65 -21.93
C ILE B 168 24.51 17.03 -23.40
N GLU B 169 25.29 16.31 -24.21
CA GLU B 169 25.32 16.62 -25.62
C GLU B 169 23.97 16.45 -26.31
N THR B 170 23.19 15.45 -25.87
CA THR B 170 21.88 15.20 -26.48
C THR B 170 20.86 16.29 -26.22
N ILE B 171 21.17 17.19 -25.30
CA ILE B 171 20.24 18.26 -24.96
C ILE B 171 20.90 19.60 -24.81
N LYS B 172 22.22 19.64 -24.98
CA LYS B 172 22.99 20.86 -24.85
C LYS B 172 22.36 22.02 -25.64
N GLY B 173 21.64 21.70 -26.70
CA GLY B 173 21.01 22.74 -27.48
C GLY B 173 19.68 22.23 -27.99
N GLY B 174 19.03 23.00 -28.86
CA GLY B 174 17.75 22.58 -29.39
C GLY B 174 16.59 22.55 -28.42
N ARG B 175 15.52 21.90 -28.83
CA ARG B 175 14.32 21.79 -28.03
C ARG B 175 14.10 20.33 -27.64
N HIS B 176 13.91 20.06 -26.34
CA HIS B 176 13.71 18.69 -25.89
C HIS B 176 12.69 18.59 -24.77
N LEU B 177 12.04 17.44 -24.69
CA LEU B 177 11.03 17.19 -23.67
C LEU B 177 11.45 16.00 -22.84
N ILE B 178 11.50 16.18 -21.54
CA ILE B 178 11.89 15.12 -20.62
C ILE B 178 10.71 14.80 -19.70
N PHE B 179 10.25 13.55 -19.74
CA PHE B 179 9.15 13.09 -18.91
C PHE B 179 9.60 12.47 -17.60
N CYS B 180 9.02 12.96 -16.51
CA CYS B 180 9.31 12.46 -15.17
C CYS B 180 7.97 11.94 -14.66
N HIS B 181 7.99 11.12 -13.63
CA HIS B 181 6.74 10.56 -13.11
C HIS B 181 6.08 11.44 -12.03
N SER B 182 6.79 12.44 -11.53
CA SER B 182 6.25 13.32 -10.50
C SER B 182 6.69 14.77 -10.65
N LYS B 183 5.92 15.68 -10.06
CA LYS B 183 6.24 17.10 -10.11
C LYS B 183 7.52 17.36 -9.33
N LYS B 184 7.72 16.60 -8.26
CA LYS B 184 8.90 16.78 -7.44
C LYS B 184 10.17 16.60 -8.28
N LYS B 185 10.24 15.51 -9.03
CA LYS B 185 11.40 15.26 -9.86
C LYS B 185 11.54 16.27 -10.99
N CYS B 186 10.42 16.73 -11.54
CA CYS B 186 10.47 17.74 -12.60
C CYS B 186 11.16 18.99 -12.10
N ASP B 187 10.86 19.35 -10.85
CA ASP B 187 11.45 20.54 -10.23
C ASP B 187 12.92 20.33 -9.91
N GLU B 188 13.31 19.11 -9.54
CA GLU B 188 14.70 18.82 -9.23
C GLU B 188 15.51 18.89 -10.52
N LEU B 189 15.06 18.17 -11.55
CA LEU B 189 15.75 18.14 -12.82
C LEU B 189 15.85 19.54 -13.44
N ALA B 190 14.70 20.20 -13.56
CA ALA B 190 14.67 21.53 -14.15
C ALA B 190 15.70 22.45 -13.50
N ALA B 191 15.80 22.37 -12.18
CA ALA B 191 16.75 23.22 -11.47
C ALA B 191 18.17 22.83 -11.86
N LYS B 192 18.49 21.54 -11.67
CA LYS B 192 19.82 21.01 -11.97
C LYS B 192 20.30 21.37 -13.38
N LEU B 193 19.44 21.18 -14.37
CA LEU B 193 19.79 21.50 -15.74
C LEU B 193 20.08 23.00 -15.90
N SER B 194 19.36 23.83 -15.13
CA SER B 194 19.60 25.27 -15.20
C SER B 194 20.93 25.57 -14.53
N GLY B 195 21.26 24.78 -13.50
CA GLY B 195 22.52 24.97 -12.80
C GLY B 195 23.68 24.53 -13.65
N LEU B 196 23.41 24.22 -14.90
CA LEU B 196 24.43 23.77 -15.83
C LEU B 196 24.47 24.67 -17.04
N GLY B 197 23.75 25.78 -16.98
CA GLY B 197 23.75 26.72 -18.09
C GLY B 197 22.76 26.34 -19.18
N LEU B 198 21.83 25.44 -18.87
CA LEU B 198 20.83 25.05 -19.85
C LEU B 198 19.51 25.74 -19.54
N ASN B 199 18.76 26.13 -20.58
CA ASN B 199 17.46 26.78 -20.39
C ASN B 199 16.41 25.69 -20.17
N ALA B 200 16.26 25.27 -18.91
CA ALA B 200 15.30 24.23 -18.56
C ALA B 200 14.10 24.74 -17.76
N VAL B 201 12.90 24.31 -18.16
CA VAL B 201 11.68 24.71 -17.48
C VAL B 201 10.83 23.48 -17.18
N ALA B 202 10.23 23.47 -15.99
CA ALA B 202 9.40 22.37 -15.55
C ALA B 202 7.94 22.69 -15.88
N TYR B 203 7.16 21.67 -16.25
CA TYR B 203 5.76 21.90 -16.56
C TYR B 203 4.86 20.78 -16.07
N TYR B 204 3.71 21.14 -15.49
CA TYR B 204 2.74 20.17 -14.99
C TYR B 204 1.42 20.84 -14.65
N ARG B 205 0.47 20.06 -14.16
CA ARG B 205 -0.85 20.56 -13.78
C ARG B 205 -0.78 21.89 -13.03
N GLY B 206 -1.50 22.89 -13.54
CA GLY B 206 -1.54 24.18 -12.87
C GLY B 206 -0.67 25.27 -13.47
N LEU B 207 0.52 24.88 -13.92
CA LEU B 207 1.43 25.84 -14.51
C LEU B 207 0.85 26.36 -15.83
N ASP B 208 1.16 27.62 -16.13
CA ASP B 208 0.66 28.26 -17.34
C ASP B 208 1.42 27.72 -18.55
N VAL B 209 0.67 27.30 -19.56
CA VAL B 209 1.23 26.73 -20.77
C VAL B 209 2.20 27.69 -21.46
N SER B 210 2.20 28.95 -21.01
CA SER B 210 3.07 29.95 -21.60
C SER B 210 4.50 29.79 -21.15
N VAL B 211 4.72 29.09 -20.04
CA VAL B 211 6.06 28.89 -19.54
C VAL B 211 6.93 28.22 -20.57
N ILE B 212 6.28 27.50 -21.49
CA ILE B 212 6.98 26.81 -22.56
C ILE B 212 7.19 27.77 -23.71
N PRO B 213 8.44 28.22 -23.93
CA PRO B 213 8.72 29.16 -25.01
C PRO B 213 8.41 28.53 -26.36
N THR B 214 7.54 29.20 -27.12
CA THR B 214 7.13 28.71 -28.42
C THR B 214 8.30 28.62 -29.41
N SER B 215 9.42 29.24 -29.06
CA SER B 215 10.57 29.23 -29.95
C SER B 215 11.90 29.25 -29.18
N GLY B 216 12.98 28.91 -29.88
CA GLY B 216 14.30 28.91 -29.27
C GLY B 216 14.60 27.65 -28.48
N ASP B 217 15.85 27.50 -28.06
CA ASP B 217 16.28 26.35 -27.26
C ASP B 217 15.56 26.30 -25.94
N VAL B 218 15.29 25.08 -25.45
CA VAL B 218 14.60 24.87 -24.18
C VAL B 218 14.49 23.37 -23.88
N ILE B 219 14.44 23.03 -22.60
CA ILE B 219 14.33 21.65 -22.19
C ILE B 219 13.17 21.63 -21.23
N VAL B 220 12.05 21.08 -21.66
CA VAL B 220 10.88 21.02 -20.82
C VAL B 220 10.81 19.72 -20.03
N VAL B 221 10.84 19.82 -18.70
CA VAL B 221 10.74 18.64 -17.85
C VAL B 221 9.28 18.60 -17.38
N ALA B 222 8.49 17.65 -17.86
CA ALA B 222 7.08 17.61 -17.50
C ALA B 222 6.51 16.23 -17.13
N THR B 223 5.28 16.26 -16.61
CA THR B 223 4.55 15.06 -16.23
C THR B 223 3.60 14.71 -17.36
N ASP B 224 2.70 13.75 -17.13
CA ASP B 224 1.74 13.37 -18.14
C ASP B 224 0.76 14.48 -18.50
N ALA B 225 0.97 15.66 -17.94
CA ALA B 225 0.10 16.77 -18.25
C ALA B 225 0.47 17.26 -19.66
N LEU B 226 1.48 16.64 -20.26
CA LEU B 226 1.92 17.01 -21.59
C LEU B 226 2.12 15.75 -22.43
N MET B 227 1.46 14.68 -22.00
CA MET B 227 1.57 13.39 -22.67
C MET B 227 0.87 13.24 -24.02
N THR B 228 -0.28 13.88 -24.19
CA THR B 228 -1.04 13.75 -25.44
C THR B 228 -1.44 15.08 -26.09
N GLY B 229 -1.73 14.99 -27.39
CA GLY B 229 -2.18 16.12 -28.18
C GLY B 229 -1.34 17.38 -28.24
N PHE B 230 -0.31 17.47 -27.42
CA PHE B 230 0.52 18.66 -27.43
C PHE B 230 1.65 18.56 -28.44
N THR B 231 1.89 19.68 -29.13
CA THR B 231 2.97 19.81 -30.12
C THR B 231 3.87 20.96 -29.67
N GLY B 232 5.00 20.64 -29.07
CA GLY B 232 5.89 21.70 -28.62
C GLY B 232 7.08 21.87 -29.56
N ASP B 233 7.04 21.20 -30.71
CA ASP B 233 8.14 21.29 -31.67
C ASP B 233 9.43 20.86 -30.96
N PHE B 234 9.45 19.61 -30.47
CA PHE B 234 10.60 19.07 -29.77
C PHE B 234 11.48 18.20 -30.66
N ASP B 235 12.79 18.43 -30.56
CA ASP B 235 13.76 17.67 -31.33
C ASP B 235 13.85 16.24 -30.81
N SER B 236 13.53 16.04 -29.55
CA SER B 236 13.59 14.70 -28.99
C SER B 236 12.70 14.57 -27.78
N VAL B 237 12.61 13.35 -27.28
CA VAL B 237 11.84 13.03 -26.09
C VAL B 237 12.59 12.00 -25.25
N ILE B 238 12.71 12.29 -23.96
CA ILE B 238 13.39 11.40 -23.03
C ILE B 238 12.31 10.94 -22.06
N ASP B 239 12.04 9.64 -22.08
CA ASP B 239 11.00 9.03 -21.28
C ASP B 239 11.56 8.26 -20.07
N CYS B 240 10.96 8.47 -18.90
CA CYS B 240 11.41 7.76 -17.70
C CYS B 240 10.73 6.38 -17.62
N ASN B 241 9.75 6.15 -18.49
CA ASN B 241 9.03 4.87 -18.56
C ASN B 241 8.31 4.49 -17.27
N THR B 242 8.14 5.47 -16.38
CA THR B 242 7.49 5.25 -15.10
C THR B 242 6.10 5.88 -15.08
N CYS B 243 5.16 5.16 -14.50
CA CYS B 243 3.76 5.60 -14.41
C CYS B 243 3.27 5.68 -12.97
N VAL B 244 2.19 6.44 -12.79
CA VAL B 244 1.56 6.58 -11.49
C VAL B 244 0.10 6.18 -11.68
N THR B 245 -0.29 5.04 -11.11
CA THR B 245 -1.67 4.59 -11.25
C THR B 245 -2.37 4.44 -9.92
N GLN B 246 -3.69 4.38 -9.98
CA GLN B 246 -4.49 4.23 -8.78
C GLN B 246 -5.33 2.96 -8.92
N THR B 247 -5.67 2.34 -7.79
CA THR B 247 -6.46 1.12 -7.83
C THR B 247 -7.32 0.95 -6.59
N VAL B 248 -8.47 0.29 -6.74
CA VAL B 248 -9.38 0.06 -5.62
C VAL B 248 -9.14 -1.35 -5.12
N ASP B 249 -9.27 -1.52 -3.81
CA ASP B 249 -9.05 -2.83 -3.21
C ASP B 249 -10.18 -3.14 -2.21
N PHE B 250 -11.04 -4.08 -2.57
CA PHE B 250 -12.16 -4.47 -1.71
C PHE B 250 -11.65 -5.36 -0.57
N SER B 251 -10.94 -4.74 0.37
CA SER B 251 -10.35 -5.44 1.49
C SER B 251 -11.29 -5.65 2.70
N LEU B 252 -12.54 -5.21 2.55
CA LEU B 252 -13.53 -5.35 3.63
C LEU B 252 -12.93 -5.04 5.01
N ASP B 253 -12.15 -3.98 5.10
CA ASP B 253 -11.53 -3.63 6.38
C ASP B 253 -11.66 -2.16 6.77
N PRO B 254 -12.90 -1.65 6.92
CA PRO B 254 -14.17 -2.36 6.77
C PRO B 254 -14.77 -2.51 5.38
N THR B 255 -14.41 -1.63 4.47
CA THR B 255 -15.00 -1.66 3.13
C THR B 255 -14.01 -1.82 2.00
N PHE B 256 -13.60 -0.71 1.39
CA PHE B 256 -12.65 -0.76 0.29
C PHE B 256 -11.52 0.21 0.56
N THR B 257 -10.49 0.14 -0.27
CA THR B 257 -9.32 1.00 -0.12
C THR B 257 -8.79 1.47 -1.47
N ILE B 258 -8.57 2.78 -1.59
CA ILE B 258 -8.05 3.36 -2.82
C ILE B 258 -6.56 3.63 -2.63
N GLU B 259 -5.74 2.90 -3.37
CA GLU B 259 -4.30 3.03 -3.27
C GLU B 259 -3.61 3.45 -4.57
N THR B 260 -2.81 4.50 -4.47
CA THR B 260 -2.07 5.03 -5.61
C THR B 260 -0.61 4.58 -5.52
N THR B 261 -0.16 3.87 -6.54
CA THR B 261 1.22 3.37 -6.56
C THR B 261 1.93 3.60 -7.90
N THR B 262 3.26 3.68 -7.84
CA THR B 262 4.10 3.89 -9.03
C THR B 262 4.38 2.55 -9.70
N VAL B 263 4.08 2.45 -10.99
CA VAL B 263 4.28 1.21 -11.74
C VAL B 263 4.83 1.53 -13.12
N PRO B 264 5.53 0.58 -13.77
CA PRO B 264 6.07 0.86 -15.11
C PRO B 264 4.98 1.27 -16.09
N GLN B 265 5.34 2.04 -17.12
CA GLN B 265 4.33 2.49 -18.06
C GLN B 265 3.81 1.37 -18.95
N ASP B 266 2.71 1.66 -19.65
CA ASP B 266 2.10 0.69 -20.53
C ASP B 266 2.20 1.16 -21.99
N ALA B 267 1.65 0.37 -22.90
CA ALA B 267 1.71 0.67 -24.33
C ALA B 267 1.21 2.07 -24.70
N VAL B 268 0.02 2.41 -24.21
CA VAL B 268 -0.58 3.71 -24.50
C VAL B 268 0.39 4.85 -24.19
N SER B 269 0.80 4.92 -22.94
CA SER B 269 1.71 5.94 -22.47
C SER B 269 2.99 6.01 -23.29
N ARG B 270 3.60 4.85 -23.53
CA ARG B 270 4.84 4.83 -24.30
C ARG B 270 4.66 5.47 -25.67
N SER B 271 3.63 5.07 -26.40
CA SER B 271 3.40 5.64 -27.72
C SER B 271 3.01 7.12 -27.68
N GLN B 272 2.16 7.51 -26.73
CA GLN B 272 1.76 8.91 -26.64
C GLN B 272 2.94 9.80 -26.24
N ARG B 273 3.70 9.38 -25.22
CA ARG B 273 4.85 10.15 -24.77
C ARG B 273 5.84 10.30 -25.92
N ARG B 274 6.20 9.17 -26.52
CA ARG B 274 7.13 9.16 -27.63
C ARG B 274 6.60 10.10 -28.68
N GLY B 275 5.29 10.01 -28.90
CA GLY B 275 4.61 10.83 -29.88
C GLY B 275 4.71 12.33 -29.72
N ARG B 276 5.28 12.83 -28.61
CA ARG B 276 5.39 14.27 -28.44
C ARG B 276 6.46 14.86 -29.36
N THR B 277 7.30 13.99 -29.94
CA THR B 277 8.33 14.41 -30.89
C THR B 277 8.02 13.74 -32.25
N GLY B 278 8.80 14.07 -33.28
CA GLY B 278 8.55 13.48 -34.59
C GLY B 278 7.16 13.83 -35.10
N ARG B 279 6.79 15.10 -34.95
CA ARG B 279 5.48 15.59 -35.37
C ARG B 279 5.65 16.50 -36.57
N GLY B 280 5.55 15.91 -37.76
CA GLY B 280 5.74 16.69 -38.97
C GLY B 280 7.17 16.63 -39.45
N ARG B 281 8.11 16.22 -38.59
CA ARG B 281 9.52 16.11 -38.98
C ARG B 281 10.21 15.04 -38.13
N MET B 282 11.48 14.79 -38.42
CA MET B 282 12.23 13.78 -37.68
C MET B 282 12.28 14.09 -36.18
N GLY B 283 12.51 13.05 -35.38
CA GLY B 283 12.59 13.20 -33.95
C GLY B 283 13.30 12.03 -33.32
N ILE B 284 13.73 12.22 -32.08
CA ILE B 284 14.42 11.16 -31.34
C ILE B 284 13.74 10.83 -30.02
N TYR B 285 13.59 9.54 -29.75
CA TYR B 285 12.97 9.07 -28.52
C TYR B 285 13.98 8.30 -27.68
N ARG B 286 14.36 8.84 -26.53
CA ARG B 286 15.32 8.15 -25.66
C ARG B 286 14.56 7.57 -24.48
N PHE B 287 14.85 6.32 -24.14
CA PHE B 287 14.16 5.68 -23.03
C PHE B 287 15.11 5.00 -22.06
N VAL B 288 14.61 4.78 -20.85
CA VAL B 288 15.33 4.12 -19.77
C VAL B 288 15.21 2.59 -19.87
N THR B 289 14.11 2.13 -20.45
CA THR B 289 13.86 0.71 -20.63
C THR B 289 12.92 0.43 -21.79
N PRO B 290 13.11 -0.71 -22.46
CA PRO B 290 12.28 -1.10 -23.59
C PRO B 290 11.03 -1.84 -23.15
N GLY B 291 10.15 -2.16 -24.09
CA GLY B 291 8.95 -2.90 -23.76
C GLY B 291 8.01 -2.18 -22.80
N GLU B 292 6.75 -2.60 -22.81
CA GLU B 292 5.75 -2.01 -21.95
C GLU B 292 4.66 -3.01 -21.64
N ARG B 293 3.77 -2.65 -20.72
CA ARG B 293 2.67 -3.53 -20.37
C ARG B 293 1.46 -3.33 -21.26
N PRO B 294 0.54 -4.31 -21.26
CA PRO B 294 -0.70 -4.28 -22.05
C PRO B 294 -1.58 -3.06 -21.73
N SER B 295 -2.61 -2.86 -22.54
CA SER B 295 -3.55 -1.75 -22.36
C SER B 295 -4.96 -2.20 -22.76
N GLY B 296 -5.90 -1.25 -22.77
CA GLY B 296 -7.28 -1.58 -23.15
C GLY B 296 -8.20 -1.88 -21.98
N MET B 297 -7.65 -1.85 -20.77
CA MET B 297 -8.44 -2.11 -19.58
C MET B 297 -8.14 -1.07 -18.50
N PHE B 298 -9.03 -0.98 -17.53
CA PHE B 298 -8.84 -0.03 -16.44
C PHE B 298 -9.54 -0.49 -15.16
N ASP B 299 -8.91 -0.17 -14.03
CA ASP B 299 -9.39 -0.55 -12.74
C ASP B 299 -10.76 0.02 -12.39
N SER B 300 -11.42 -0.64 -11.43
CA SER B 300 -12.74 -0.25 -10.98
C SER B 300 -12.72 1.06 -10.20
N SER B 301 -11.54 1.46 -9.69
CA SER B 301 -11.47 2.71 -8.94
C SER B 301 -11.83 3.90 -9.83
N VAL B 302 -11.61 3.75 -11.14
CA VAL B 302 -11.93 4.82 -12.08
C VAL B 302 -13.43 5.09 -12.08
N LEU B 303 -14.23 4.03 -12.02
CA LEU B 303 -15.69 4.18 -12.03
C LEU B 303 -16.08 4.94 -10.79
N CYS B 304 -15.45 4.56 -9.69
CA CYS B 304 -15.69 5.19 -8.40
C CYS B 304 -15.42 6.69 -8.52
N GLU B 305 -14.33 7.00 -9.20
CA GLU B 305 -13.89 8.36 -9.42
C GLU B 305 -14.90 9.15 -10.24
N CYS B 306 -15.59 8.47 -11.17
CA CYS B 306 -16.61 9.12 -12.01
C CYS B 306 -17.82 9.56 -11.20
N TYR B 307 -18.32 8.64 -10.38
CA TYR B 307 -19.47 8.96 -9.53
C TYR B 307 -19.07 10.04 -8.57
N ASP B 308 -17.84 9.97 -8.04
CA ASP B 308 -17.39 10.99 -7.10
C ASP B 308 -17.37 12.34 -7.81
N ALA B 309 -16.80 12.36 -9.02
CA ALA B 309 -16.71 13.58 -9.82
C ALA B 309 -18.09 14.09 -10.19
N GLY B 310 -18.98 13.15 -10.49
CA GLY B 310 -20.34 13.52 -10.86
C GLY B 310 -21.12 14.13 -9.72
N CYS B 311 -20.78 13.78 -8.49
CA CYS B 311 -21.49 14.33 -7.34
C CYS B 311 -20.92 15.65 -6.91
N ALA B 312 -19.60 15.75 -6.94
CA ALA B 312 -18.93 16.96 -6.49
C ALA B 312 -18.70 18.06 -7.52
N TRP B 313 -18.48 17.68 -8.77
CA TRP B 313 -18.19 18.68 -9.77
C TRP B 313 -19.29 19.02 -10.74
N TYR B 314 -20.00 18.00 -11.21
CA TYR B 314 -21.00 18.21 -12.24
C TYR B 314 -22.44 18.09 -11.85
N GLU B 315 -22.73 18.17 -10.56
CA GLU B 315 -24.10 18.05 -10.08
C GLU B 315 -24.90 16.98 -10.80
N LEU B 316 -24.39 15.75 -10.77
CA LEU B 316 -25.06 14.62 -11.39
C LEU B 316 -25.43 13.62 -10.29
N THR B 317 -26.66 13.11 -10.34
CA THR B 317 -27.09 12.12 -9.36
C THR B 317 -26.39 10.83 -9.74
N PRO B 318 -26.17 9.93 -8.77
CA PRO B 318 -25.51 8.66 -9.03
C PRO B 318 -26.18 7.90 -10.18
N ALA B 319 -27.51 7.97 -10.22
CA ALA B 319 -28.27 7.29 -11.25
C ALA B 319 -27.98 7.90 -12.63
N GLU B 320 -27.88 9.22 -12.65
CA GLU B 320 -27.59 9.94 -13.88
C GLU B 320 -26.24 9.55 -14.47
N THR B 321 -25.23 9.55 -13.62
CA THR B 321 -23.91 9.19 -14.08
C THR B 321 -23.89 7.75 -14.52
N SER B 322 -24.80 6.93 -13.98
CA SER B 322 -24.86 5.54 -14.40
C SER B 322 -25.39 5.43 -15.82
N VAL B 323 -26.32 6.30 -16.19
CA VAL B 323 -26.86 6.28 -17.54
C VAL B 323 -25.73 6.62 -18.50
N ARG B 324 -24.94 7.61 -18.16
CA ARG B 324 -23.81 8.02 -19.00
C ARG B 324 -22.72 6.95 -19.12
N LEU B 325 -22.43 6.26 -18.03
CA LEU B 325 -21.39 5.24 -18.05
C LEU B 325 -21.82 4.00 -18.80
N ARG B 326 -23.12 3.72 -18.75
CA ARG B 326 -23.67 2.56 -19.43
C ARG B 326 -23.46 2.76 -20.92
N ALA B 327 -23.66 3.98 -21.38
CA ALA B 327 -23.50 4.28 -22.79
C ALA B 327 -22.06 4.02 -23.19
N TYR B 328 -21.12 4.32 -22.31
CA TYR B 328 -19.72 4.10 -22.62
C TYR B 328 -19.42 2.60 -22.69
N LEU B 329 -19.91 1.82 -21.74
CA LEU B 329 -19.66 0.38 -21.75
C LEU B 329 -20.37 -0.31 -22.90
N ASN B 330 -21.48 0.28 -23.36
CA ASN B 330 -22.24 -0.30 -24.46
C ASN B 330 -21.66 0.03 -25.83
N THR B 331 -20.56 0.79 -25.86
CA THR B 331 -19.96 1.18 -27.12
C THR B 331 -18.67 0.40 -27.40
N PRO B 332 -18.68 -0.43 -28.46
CA PRO B 332 -17.50 -1.23 -28.83
C PRO B 332 -16.29 -0.38 -29.18
N GLY B 333 -15.11 -1.00 -29.13
CA GLY B 333 -13.88 -0.31 -29.45
C GLY B 333 -13.29 0.57 -28.37
N LEU B 334 -13.92 0.65 -27.21
CA LEU B 334 -13.38 1.48 -26.14
C LEU B 334 -12.83 0.63 -25.03
N PRO B 335 -12.01 1.22 -24.16
CA PRO B 335 -11.40 0.50 -23.03
C PRO B 335 -12.51 -0.15 -22.21
N VAL B 336 -12.26 -1.36 -21.70
CA VAL B 336 -13.25 -2.08 -20.90
C VAL B 336 -12.86 -2.19 -19.43
N CYS B 337 -13.81 -2.57 -18.59
CA CYS B 337 -13.56 -2.76 -17.17
C CYS B 337 -14.68 -3.63 -16.59
N GLN B 338 -14.52 -4.04 -15.35
CA GLN B 338 -15.51 -4.89 -14.67
C GLN B 338 -16.78 -4.07 -14.48
N ASP B 339 -17.93 -4.63 -14.88
CA ASP B 339 -19.20 -3.92 -14.75
C ASP B 339 -19.59 -3.81 -13.29
N HIS B 340 -19.30 -2.65 -12.71
CA HIS B 340 -19.61 -2.37 -11.31
C HIS B 340 -20.45 -1.09 -11.17
N LEU B 341 -21.16 -0.72 -12.24
CA LEU B 341 -21.98 0.50 -12.20
C LEU B 341 -23.02 0.48 -11.10
N GLU B 342 -23.72 -0.63 -10.99
CA GLU B 342 -24.75 -0.75 -9.99
C GLU B 342 -24.17 -0.72 -8.58
N PHE B 343 -22.99 -1.31 -8.41
CA PHE B 343 -22.34 -1.31 -7.12
C PHE B 343 -21.92 0.10 -6.69
N TRP B 344 -21.21 0.82 -7.56
CA TRP B 344 -20.77 2.17 -7.22
C TRP B 344 -21.92 3.15 -7.08
N GLU B 345 -22.95 2.95 -7.90
CA GLU B 345 -24.13 3.81 -7.83
C GLU B 345 -24.83 3.65 -6.48
N SER B 346 -24.99 2.40 -6.03
CA SER B 346 -25.66 2.17 -4.77
C SER B 346 -24.88 2.77 -3.58
N VAL B 347 -23.55 2.64 -3.63
CA VAL B 347 -22.70 3.17 -2.58
C VAL B 347 -22.85 4.69 -2.42
N PHE B 348 -22.85 5.41 -3.54
CA PHE B 348 -22.98 6.88 -3.52
C PHE B 348 -24.40 7.34 -3.26
N THR B 349 -25.35 6.45 -3.51
CA THR B 349 -26.73 6.81 -3.30
C THR B 349 -27.00 6.92 -1.79
N GLY B 350 -26.20 6.23 -1.00
CA GLY B 350 -26.38 6.28 0.45
C GLY B 350 -25.65 7.40 1.15
N LEU B 351 -24.71 8.05 0.47
CA LEU B 351 -23.94 9.15 1.07
C LEU B 351 -24.68 10.45 0.87
N THR B 352 -25.75 10.62 1.65
CA THR B 352 -26.56 11.82 1.53
C THR B 352 -26.26 12.90 2.57
N HIS B 353 -26.72 14.11 2.28
CA HIS B 353 -26.53 15.27 3.14
C HIS B 353 -25.08 15.56 3.49
N ILE B 354 -24.24 15.67 2.48
CA ILE B 354 -22.83 15.96 2.70
C ILE B 354 -22.70 17.42 3.12
N ASP B 355 -21.64 17.75 3.85
CA ASP B 355 -21.40 19.11 4.31
C ASP B 355 -20.81 19.95 3.18
N ALA B 356 -21.55 20.97 2.76
CA ALA B 356 -21.15 21.86 1.68
C ALA B 356 -19.78 22.51 1.90
N HIS B 357 -19.56 23.02 3.10
CA HIS B 357 -18.30 23.68 3.44
C HIS B 357 -17.10 22.74 3.27
N PHE B 358 -17.26 21.49 3.73
CA PHE B 358 -16.18 20.51 3.59
C PHE B 358 -15.94 20.19 2.12
N LEU B 359 -17.01 20.12 1.33
CA LEU B 359 -16.89 19.80 -0.10
C LEU B 359 -16.12 20.88 -0.84
N SER B 360 -16.51 22.12 -0.64
CA SER B 360 -15.84 23.22 -1.33
C SER B 360 -14.37 23.22 -0.96
N GLN B 361 -14.03 22.81 0.26
CA GLN B 361 -12.63 22.77 0.67
C GLN B 361 -11.90 21.60 0.06
N THR B 362 -12.54 20.44 -0.03
CA THR B 362 -11.86 19.29 -0.62
C THR B 362 -11.64 19.50 -2.11
N LYS B 363 -12.60 20.15 -2.78
CA LYS B 363 -12.46 20.46 -4.20
C LYS B 363 -11.31 21.44 -4.42
N GLN B 364 -11.25 22.48 -3.58
CA GLN B 364 -10.17 23.47 -3.67
C GLN B 364 -8.83 22.82 -3.44
N ALA B 365 -8.77 21.90 -2.48
CA ALA B 365 -7.52 21.22 -2.18
C ALA B 365 -7.07 20.36 -3.37
N GLY B 366 -7.97 20.11 -4.32
CA GLY B 366 -7.64 19.30 -5.47
C GLY B 366 -7.50 17.82 -5.19
N ASP B 367 -8.26 17.32 -4.22
CA ASP B 367 -8.20 15.91 -3.87
C ASP B 367 -8.72 15.05 -5.02
N ASN B 368 -8.35 13.76 -5.01
CA ASN B 368 -8.76 12.82 -6.05
C ASN B 368 -10.23 12.42 -5.92
N PHE B 369 -10.67 12.22 -4.68
CA PHE B 369 -12.05 11.85 -4.40
C PHE B 369 -12.57 12.87 -3.42
N PRO B 370 -12.77 14.11 -3.89
CA PRO B 370 -13.26 15.19 -3.04
C PRO B 370 -14.54 14.82 -2.30
N TYR B 371 -15.47 14.19 -3.01
CA TYR B 371 -16.73 13.79 -2.38
C TYR B 371 -16.52 12.76 -1.24
N LEU B 372 -15.79 11.68 -1.51
CA LEU B 372 -15.56 10.66 -0.46
C LEU B 372 -14.81 11.25 0.72
N VAL B 373 -13.86 12.13 0.42
CA VAL B 373 -13.08 12.77 1.47
C VAL B 373 -13.98 13.68 2.32
N ALA B 374 -14.78 14.52 1.65
CA ALA B 374 -15.66 15.45 2.38
C ALA B 374 -16.75 14.71 3.14
N TYR B 375 -17.22 13.60 2.57
CA TYR B 375 -18.27 12.85 3.25
C TYR B 375 -17.72 12.24 4.52
N GLN B 376 -16.55 11.61 4.45
CA GLN B 376 -15.94 11.01 5.62
C GLN B 376 -15.81 12.09 6.70
N ALA B 377 -15.38 13.30 6.30
CA ALA B 377 -15.25 14.39 7.25
C ALA B 377 -16.58 14.80 7.85
N THR B 378 -17.64 14.67 7.06
CA THR B 378 -18.98 15.02 7.52
C THR B 378 -19.42 14.07 8.61
N VAL B 379 -19.30 12.77 8.38
CA VAL B 379 -19.73 11.82 9.40
C VAL B 379 -18.89 11.98 10.65
N CYS B 380 -17.63 12.40 10.49
CA CYS B 380 -16.75 12.61 11.64
C CYS B 380 -17.23 13.79 12.46
N ALA B 381 -17.52 14.90 11.79
CA ALA B 381 -17.99 16.08 12.51
C ALA B 381 -19.32 15.81 13.18
N ARG B 382 -20.24 15.18 12.46
CA ARG B 382 -21.55 14.89 13.03
C ARG B 382 -21.49 13.83 14.12
N ALA B 383 -20.31 13.25 14.31
CA ALA B 383 -20.12 12.23 15.33
C ALA B 383 -19.19 12.78 16.38
N GLN B 384 -18.64 13.97 16.11
CA GLN B 384 -17.69 14.61 17.00
C GLN B 384 -16.49 13.71 17.25
N ALA B 385 -16.01 13.09 16.17
CA ALA B 385 -14.88 12.19 16.24
C ALA B 385 -13.78 12.68 15.30
N PRO B 386 -12.52 12.34 15.59
CA PRO B 386 -11.40 12.76 14.76
C PRO B 386 -11.37 12.00 13.45
N PRO B 387 -10.71 12.57 12.43
CA PRO B 387 -10.61 11.92 11.12
C PRO B 387 -9.66 10.73 11.18
N PRO B 388 -9.55 9.96 10.09
CA PRO B 388 -8.66 8.78 10.03
C PRO B 388 -7.23 9.11 10.44
N SER B 389 -6.79 10.33 10.13
CA SER B 389 -5.44 10.80 10.47
C SER B 389 -5.45 12.31 10.45
N TRP B 390 -4.26 12.90 10.50
CA TRP B 390 -4.17 14.36 10.46
C TRP B 390 -3.32 14.87 9.30
N ASP B 391 -3.40 14.20 8.15
CA ASP B 391 -2.67 14.60 6.95
C ASP B 391 -3.34 15.81 6.35
N GLN B 392 -2.78 16.30 5.25
CA GLN B 392 -3.36 17.46 4.58
C GLN B 392 -4.80 17.12 4.19
N MET B 393 -4.99 15.87 3.80
CA MET B 393 -6.29 15.38 3.38
C MET B 393 -7.42 15.75 4.32
N TRP B 394 -7.10 15.87 5.62
CA TRP B 394 -8.14 16.21 6.59
C TRP B 394 -7.98 17.58 7.23
N LYS B 395 -7.20 18.46 6.62
CA LYS B 395 -6.99 19.81 7.18
C LYS B 395 -8.30 20.55 7.41
N CYS B 396 -9.38 20.12 6.75
CA CYS B 396 -10.68 20.77 6.91
C CYS B 396 -11.26 20.58 8.30
N LEU B 397 -10.65 19.67 9.06
CA LEU B 397 -11.11 19.40 10.42
C LEU B 397 -10.06 19.83 11.44
N ILE B 398 -8.88 20.20 10.94
CA ILE B 398 -7.76 20.61 11.77
C ILE B 398 -8.18 21.68 12.80
N ARG B 399 -9.16 22.49 12.43
CA ARG B 399 -9.63 23.54 13.33
C ARG B 399 -10.76 23.07 14.24
N LEU B 400 -10.86 21.76 14.46
CA LEU B 400 -11.93 21.26 15.30
C LEU B 400 -11.46 20.29 16.35
N LYS B 401 -10.15 20.08 16.43
CA LYS B 401 -9.61 19.15 17.41
C LYS B 401 -10.21 19.27 18.83
N PRO B 402 -10.34 20.50 19.36
CA PRO B 402 -10.89 20.68 20.71
C PRO B 402 -12.32 20.16 20.90
N THR B 403 -12.83 19.42 19.93
CA THR B 403 -14.18 18.90 20.04
C THR B 403 -14.31 17.49 19.52
N LEU B 404 -13.30 17.06 18.78
CA LEU B 404 -13.29 15.74 18.19
C LEU B 404 -12.55 14.75 19.07
N HIS B 405 -13.27 13.74 19.55
CA HIS B 405 -12.68 12.72 20.41
C HIS B 405 -13.26 11.36 20.08
N GLY B 406 -12.65 10.31 20.64
CA GLY B 406 -13.14 8.96 20.43
C GLY B 406 -12.65 8.30 19.16
N PRO B 407 -13.24 7.15 18.79
CA PRO B 407 -12.87 6.41 17.59
C PRO B 407 -13.42 7.13 16.36
N THR B 408 -12.82 6.84 15.21
CA THR B 408 -13.24 7.44 13.95
C THR B 408 -14.18 6.48 13.23
N PRO B 409 -15.34 6.98 12.76
CA PRO B 409 -16.31 6.15 12.03
C PRO B 409 -15.75 5.95 10.63
N LEU B 410 -14.88 4.97 10.47
CA LEU B 410 -14.23 4.71 9.18
C LEU B 410 -15.18 4.17 8.11
N LEU B 411 -15.33 4.90 7.02
CA LEU B 411 -16.23 4.47 5.94
C LEU B 411 -15.51 3.72 4.85
N TYR B 412 -14.23 4.02 4.68
CA TYR B 412 -13.42 3.41 3.66
C TYR B 412 -12.01 3.93 3.86
N ARG B 413 -11.08 3.44 3.07
CA ARG B 413 -9.69 3.87 3.18
C ARG B 413 -9.16 4.67 1.99
N LEU B 414 -9.06 5.98 2.17
CA LEU B 414 -8.54 6.86 1.12
C LEU B 414 -7.06 7.13 1.36
N GLY B 415 -6.56 6.71 2.51
CA GLY B 415 -5.16 6.91 2.83
C GLY B 415 -4.76 6.16 4.09
N ALA B 416 -3.77 6.67 4.81
CA ALA B 416 -3.32 6.01 6.04
C ALA B 416 -4.24 6.32 7.21
N VAL B 417 -4.47 5.30 8.05
CA VAL B 417 -5.33 5.42 9.24
C VAL B 417 -4.48 5.37 10.52
N GLN B 418 -4.43 6.49 11.23
CA GLN B 418 -3.64 6.61 12.45
C GLN B 418 -4.46 6.46 13.74
N ASN B 419 -5.55 7.19 13.86
CA ASN B 419 -6.37 7.14 15.06
C ASN B 419 -7.10 5.80 15.24
N GLU B 420 -7.83 5.70 16.35
CA GLU B 420 -8.62 4.52 16.67
C GLU B 420 -9.77 4.47 15.68
N VAL B 421 -10.27 3.27 15.44
CA VAL B 421 -11.33 3.06 14.47
C VAL B 421 -12.54 2.28 14.97
N THR B 422 -13.71 2.69 14.49
CA THR B 422 -14.98 2.03 14.78
C THR B 422 -15.66 1.78 13.42
N THR B 423 -16.28 0.60 13.27
CA THR B 423 -16.95 0.22 12.03
C THR B 423 -18.44 -0.03 12.22
N THR B 424 -18.98 0.45 13.34
CA THR B 424 -20.39 0.27 13.68
C THR B 424 -21.31 1.37 13.15
N HIS B 425 -20.74 2.39 12.52
CA HIS B 425 -21.54 3.48 11.99
C HIS B 425 -22.46 2.97 10.89
N PRO B 426 -23.73 3.45 10.86
CA PRO B 426 -24.73 3.06 9.87
C PRO B 426 -24.21 3.13 8.43
N ILE B 427 -23.52 4.22 8.10
CA ILE B 427 -23.00 4.38 6.75
C ILE B 427 -22.04 3.25 6.41
N THR B 428 -21.11 2.97 7.32
CA THR B 428 -20.14 1.90 7.11
C THR B 428 -20.87 0.58 6.84
N LYS B 429 -21.92 0.33 7.62
CA LYS B 429 -22.70 -0.89 7.48
C LYS B 429 -23.37 -0.93 6.11
N TYR B 430 -23.96 0.21 5.72
CA TYR B 430 -24.62 0.31 4.43
C TYR B 430 -23.65 -0.09 3.31
N ILE B 431 -22.48 0.52 3.30
CA ILE B 431 -21.49 0.23 2.28
C ILE B 431 -21.09 -1.26 2.29
N MET B 432 -21.02 -1.85 3.48
CA MET B 432 -20.67 -3.26 3.58
C MET B 432 -21.75 -4.11 2.91
N ALA B 433 -23.02 -3.74 3.12
CA ALA B 433 -24.15 -4.47 2.52
C ALA B 433 -24.09 -4.37 1.00
N CYS B 434 -23.68 -3.22 0.49
CA CYS B 434 -23.56 -3.02 -0.95
C CYS B 434 -22.47 -3.94 -1.45
N MET B 435 -21.55 -4.34 -0.58
CA MET B 435 -20.46 -5.21 -1.00
C MET B 435 -20.78 -6.68 -0.85
N SER B 436 -20.95 -7.12 0.40
CA SER B 436 -21.25 -8.51 0.71
C SER B 436 -22.23 -9.15 -0.28
N ALA B 437 -23.42 -8.57 -0.38
CA ALA B 437 -24.43 -9.09 -1.30
C ALA B 437 -25.65 -8.15 -1.35
#